data_4FM9
#
_entry.id   4FM9
#
_cell.length_a   85.918
_cell.length_b   215.081
_cell.length_c   128.650
_cell.angle_alpha   90.000
_cell.angle_beta   90.000
_cell.angle_gamma   90.000
#
_symmetry.space_group_name_H-M   'C 2 2 21'
#
loop_
_entity.id
_entity.type
_entity.pdbx_description
1 polymer 'DNA topoisomerase 2-alpha'
2 polymer "DNA (5'-D(P*GP*AP*GP*GP*AP*TP*GP*AP*CP*GP*AP*TP*G)-3')"
3 polymer "DNA (5'-D(*CP*GP*CP*GP*CP*AP*TP*CP*GP*TP*CP*AP*TP*CP*CP*TP*C)-3')"
4 non-polymer 'MAGNESIUM ION'
5 non-polymer GLYCEROL
6 water water
#
loop_
_entity_poly.entity_id
_entity_poly.type
_entity_poly.pdbx_seq_one_letter_code
_entity_poly.pdbx_strand_id
1 'polypeptide(L)'
;KHNRIKGIPKLDDANDAGGRNSTECTLILTEGDSAKTLAVSGLGVVGRDKYGVFPLRGKILNVREASHKQIMENAEINNI
IKIVGLQYKKNYEDEDSLKTLRYGKIMIMTDQDQDGSHIKGLLINFIHHNWPSLLRHRFLEEFITPIVKVSKNKQEMAFY
SLPEFEEWKSSTPNHKKWKVKYYKGLGTSTSKEAKEYFADMKRHRIQFKYSGPEDDAAISLAFSKKQIDDRKEWLTNFME
DRRQRKLLGLPEDYLYGQTTTYLTYNDFINKELILFSNSDNERSIPSMVDGLKPGQRKVLFTCFKRNDKREVKVAQLAGS
VAEMSSYHHGEMSLMMTIINLAQNFVGSNNLNLLQPIGQFGTRLHGGKDSASPRYIFTMLSSLARLLFPPKDDHTLKFLY
DDNQRVEPEWYIPIIPMVLINGAEGIGTGWSCKIPNFDVREIVNNIRRLMDGEEPLPMLPSYKNFKGTIEELAPNQYVIS
GEVAILNSTTIEISELPVRTWTQTYKEQVLEPMLNGTEKTPPLITDYREYHTDTTVKFVVKMTEEKLAEAERVGLHKVFK
LQTSLTCNSMVLFDHVGCLKKYDTVLDILRDFFELRLKYYGLRKEWLLGMLGAESAKLNNQARFILEKIDGKIIIENKPK
KELIKVLIQRGYDSDPVKAWKEAQQKVPDEEENEESDNEKETEKSDSVTDSGPTFNYLLDMPLWYLTKEKKDELCRLRNE
KEQELDTLKRKSPSDLWKEDLATFIEELEAVEAKEKQDEQVGL
;
A
2 'polydeoxyribonucleotide' (DG)(DA)(DG)(DG)(DA)(DT)(DG)(DA)(DC)(DG)(DA)(DT)(DG) C
3 'polydeoxyribonucleotide' (DC)(DG)(DC)(DG)(DC)(DA)(DT)(DC)(DG)(DT)(DC)(DA)(DT)(DC)(DC)(DT)(DC) D
#
# COMPACT_ATOMS: atom_id res chain seq x y z
N ASN A 3 -37.93 11.77 -27.87
CA ASN A 3 -36.52 11.52 -28.17
C ASN A 3 -36.01 10.29 -27.41
N ARG A 4 -35.48 9.32 -28.15
CA ARG A 4 -34.94 8.11 -27.54
C ARG A 4 -33.51 7.84 -28.03
N ILE A 5 -32.67 7.40 -27.10
CA ILE A 5 -31.30 7.04 -27.42
C ILE A 5 -31.26 5.60 -27.91
N LYS A 6 -30.55 5.36 -29.00
CA LYS A 6 -30.48 4.02 -29.58
C LYS A 6 -29.04 3.58 -29.86
N GLY A 7 -28.09 4.25 -29.23
CA GLY A 7 -26.70 3.88 -29.37
C GLY A 7 -26.26 2.80 -28.40
N ILE A 8 -26.45 3.05 -27.10
CA ILE A 8 -25.92 2.17 -26.06
C ILE A 8 -27.01 1.35 -25.38
N PRO A 9 -26.90 0.02 -25.47
CA PRO A 9 -27.93 -0.86 -24.91
C PRO A 9 -27.93 -0.88 -23.39
N LYS A 10 -26.81 -0.47 -22.78
CA LYS A 10 -26.68 -0.49 -21.33
C LYS A 10 -27.43 0.64 -20.65
N LEU A 11 -28.04 1.52 -21.44
CA LEU A 11 -28.83 2.61 -20.87
C LEU A 11 -30.28 2.17 -20.66
N ASP A 12 -30.72 2.16 -19.41
CA ASP A 12 -32.13 1.96 -19.10
C ASP A 12 -32.76 3.33 -18.92
N ASP A 13 -32.97 4.00 -20.03
CA ASP A 13 -33.47 5.37 -20.04
C ASP A 13 -34.82 5.51 -19.32
N ALA A 14 -35.07 6.69 -18.80
CA ALA A 14 -36.33 6.98 -18.11
C ALA A 14 -37.44 7.19 -19.12
N ASN A 15 -38.45 6.35 -19.05
CA ASN A 15 -39.54 6.35 -20.03
C ASN A 15 -40.01 7.74 -20.43
N ASP A 16 -39.92 8.71 -19.52
CA ASP A 16 -40.39 10.08 -19.80
C ASP A 16 -39.25 10.91 -20.33
N ALA A 17 -38.04 10.61 -19.90
CA ALA A 17 -36.87 11.38 -20.31
C ALA A 17 -36.77 11.39 -21.83
N GLY A 18 -36.31 12.51 -22.38
CA GLY A 18 -36.18 12.65 -23.82
C GLY A 18 -37.32 13.41 -24.46
N GLY A 19 -38.54 13.15 -23.97
CA GLY A 19 -39.71 13.86 -24.44
C GLY A 19 -40.02 15.06 -23.58
N ARG A 20 -41.29 15.24 -23.24
CA ARG A 20 -41.72 16.35 -22.41
C ARG A 20 -41.51 16.04 -20.92
N ASN A 21 -41.33 17.09 -20.12
CA ASN A 21 -41.08 16.95 -18.70
C ASN A 21 -39.70 16.35 -18.43
N SER A 22 -38.93 16.16 -19.49
CA SER A 22 -37.62 15.53 -19.37
C SER A 22 -36.77 16.22 -18.30
N THR A 23 -36.95 17.53 -18.14
CA THR A 23 -36.17 18.30 -17.16
C THR A 23 -36.43 17.83 -15.73
N GLU A 24 -37.33 16.86 -15.59
CA GLU A 24 -37.71 16.33 -14.29
C GLU A 24 -37.25 14.89 -14.14
N CYS A 25 -36.62 14.36 -15.19
CA CYS A 25 -36.06 13.01 -15.17
C CYS A 25 -34.60 13.09 -14.74
N THR A 26 -34.18 12.18 -13.86
CA THR A 26 -32.78 12.15 -13.45
C THR A 26 -32.07 10.88 -13.95
N LEU A 27 -30.75 10.98 -14.06
CA LEU A 27 -29.92 9.87 -14.50
C LEU A 27 -29.04 9.39 -13.36
N ILE A 28 -29.30 8.17 -12.90
CA ILE A 28 -28.43 7.55 -11.92
C ILE A 28 -27.19 7.01 -12.62
N LEU A 29 -26.04 7.60 -12.32
CA LEU A 29 -24.79 7.05 -12.79
C LEU A 29 -24.21 6.18 -11.69
N THR A 30 -23.96 4.91 -12.00
CA THR A 30 -23.50 3.96 -10.99
C THR A 30 -22.14 3.40 -11.35
N GLU A 31 -21.32 3.09 -10.36
CA GLU A 31 -20.03 2.49 -10.65
C GLU A 31 -20.19 0.99 -10.74
N GLY A 32 -19.84 0.44 -11.89
CA GLY A 32 -20.02 -0.98 -12.14
C GLY A 32 -21.43 -1.28 -12.63
N ASP A 33 -21.61 -2.48 -13.17
CA ASP A 33 -22.89 -2.90 -13.69
C ASP A 33 -23.83 -3.27 -12.57
N SER A 34 -23.30 -3.99 -11.59
CA SER A 34 -24.09 -4.48 -10.47
C SER A 34 -24.79 -3.34 -9.74
N ALA A 35 -24.07 -2.23 -9.58
CA ALA A 35 -24.65 -1.02 -9.02
C ALA A 35 -25.89 -0.64 -9.82
N LYS A 36 -25.73 -0.48 -11.13
CA LYS A 36 -26.86 -0.28 -12.01
C LYS A 36 -28.00 -1.22 -11.64
N THR A 37 -27.72 -2.51 -11.63
CA THR A 37 -28.73 -3.49 -11.25
C THR A 37 -29.36 -3.19 -9.89
N LEU A 38 -28.55 -2.73 -8.94
CA LEU A 38 -29.06 -2.42 -7.61
C LEU A 38 -30.01 -1.23 -7.69
N ALA A 39 -29.62 -0.23 -8.48
CA ALA A 39 -30.46 0.93 -8.68
C ALA A 39 -31.79 0.46 -9.24
N VAL A 40 -31.72 -0.40 -10.25
CA VAL A 40 -32.91 -0.98 -10.85
C VAL A 40 -33.80 -1.63 -9.79
N SER A 41 -33.22 -2.52 -9.00
CA SER A 41 -33.93 -3.14 -7.89
C SER A 41 -34.61 -2.06 -7.07
N GLY A 42 -33.89 -0.97 -6.84
CA GLY A 42 -34.44 0.18 -6.13
C GLY A 42 -35.56 0.90 -6.85
N LEU A 43 -35.45 1.03 -8.17
CA LEU A 43 -36.44 1.80 -8.96
C LEU A 43 -37.82 1.13 -9.03
N GLY A 44 -37.96 -0.02 -8.40
CA GLY A 44 -39.26 -0.65 -8.30
C GLY A 44 -40.14 0.12 -7.34
N VAL A 45 -39.55 1.09 -6.64
CA VAL A 45 -40.27 1.91 -5.67
C VAL A 45 -40.61 3.28 -6.27
N VAL A 46 -39.59 3.94 -6.82
CA VAL A 46 -39.73 5.32 -7.28
C VAL A 46 -40.28 5.43 -8.70
N GLY A 47 -40.00 4.43 -9.53
CA GLY A 47 -40.55 4.39 -10.87
C GLY A 47 -39.50 4.42 -11.96
N ARG A 48 -39.96 4.29 -13.20
CA ARG A 48 -39.06 4.21 -14.35
C ARG A 48 -39.25 5.38 -15.30
N ASP A 49 -40.17 6.29 -14.97
CA ASP A 49 -40.45 7.44 -15.82
C ASP A 49 -39.47 8.58 -15.57
N LYS A 50 -39.12 8.80 -14.31
CA LYS A 50 -38.31 9.96 -13.94
C LYS A 50 -36.88 9.57 -13.60
N TYR A 51 -36.55 8.30 -13.74
CA TYR A 51 -35.23 7.80 -13.37
C TYR A 51 -34.66 6.85 -14.40
N GLY A 52 -33.52 7.24 -14.99
CA GLY A 52 -32.77 6.36 -15.87
C GLY A 52 -31.55 5.87 -15.14
N VAL A 53 -30.98 4.76 -15.57
CA VAL A 53 -29.78 4.24 -14.93
C VAL A 53 -28.71 3.94 -15.97
N PHE A 54 -27.47 4.32 -15.64
CA PHE A 54 -26.33 4.03 -16.49
C PHE A 54 -25.07 3.82 -15.64
N PRO A 55 -24.33 2.73 -15.92
CA PRO A 55 -23.17 2.37 -15.12
C PRO A 55 -21.88 2.99 -15.63
N LEU A 56 -21.11 3.59 -14.73
CA LEU A 56 -19.80 4.11 -15.07
C LEU A 56 -18.80 2.97 -15.08
N ARG A 57 -17.80 3.09 -15.95
CA ARG A 57 -16.86 2.00 -16.16
C ARG A 57 -15.94 1.90 -14.94
N GLY A 58 -15.49 3.05 -14.46
CA GLY A 58 -14.55 3.10 -13.35
C GLY A 58 -14.09 4.52 -13.08
N LYS A 59 -12.79 4.75 -13.19
CA LYS A 59 -12.23 6.08 -13.02
C LYS A 59 -12.48 6.90 -14.27
N ILE A 60 -13.49 7.77 -14.21
CA ILE A 60 -13.81 8.66 -15.32
C ILE A 60 -12.58 9.43 -15.76
N LEU A 61 -12.56 9.86 -17.02
CA LEU A 61 -11.46 10.65 -17.55
C LEU A 61 -11.36 12.02 -16.86
N ASN A 62 -10.14 12.50 -16.68
CA ASN A 62 -9.95 13.88 -16.23
C ASN A 62 -9.91 14.80 -17.45
N VAL A 63 -11.03 15.44 -17.74
CA VAL A 63 -11.17 16.25 -18.94
C VAL A 63 -10.48 17.60 -18.80
N ARG A 64 -10.22 18.03 -17.56
CA ARG A 64 -9.68 19.36 -17.32
C ARG A 64 -8.41 19.61 -18.15
N GLU A 65 -7.47 18.68 -18.08
CA GLU A 65 -6.26 18.77 -18.87
C GLU A 65 -6.01 17.47 -19.64
N ALA A 66 -6.77 17.28 -20.71
CA ALA A 66 -6.59 16.12 -21.56
C ALA A 66 -6.63 16.53 -23.03
N SER A 67 -5.82 15.86 -23.84
CA SER A 67 -5.72 16.17 -25.26
C SER A 67 -7.05 15.98 -25.95
N HIS A 68 -7.40 16.87 -26.87
CA HIS A 68 -8.67 16.78 -27.57
C HIS A 68 -8.91 15.37 -28.10
N LYS A 69 -7.85 14.73 -28.58
CA LYS A 69 -7.95 13.37 -29.09
C LYS A 69 -8.51 12.48 -27.99
N GLN A 70 -7.88 12.51 -26.83
CA GLN A 70 -8.28 11.68 -25.71
C GLN A 70 -9.74 11.91 -25.34
N ILE A 71 -10.13 13.19 -25.28
CA ILE A 71 -11.52 13.54 -24.97
C ILE A 71 -12.46 12.94 -26.02
N MET A 72 -12.12 13.10 -27.29
CA MET A 72 -12.94 12.59 -28.39
C MET A 72 -13.02 11.07 -28.41
N GLU A 73 -11.87 10.41 -28.49
CA GLU A 73 -11.81 8.96 -28.51
C GLU A 73 -12.57 8.34 -27.33
N ASN A 74 -12.72 9.08 -26.24
CA ASN A 74 -13.32 8.53 -25.03
C ASN A 74 -14.80 8.18 -25.15
N ALA A 75 -15.07 6.88 -25.20
CA ALA A 75 -16.42 6.40 -25.47
C ALA A 75 -17.40 6.80 -24.37
N GLU A 76 -16.98 6.69 -23.12
CA GLU A 76 -17.88 6.90 -22.00
C GLU A 76 -18.43 8.32 -21.97
N ILE A 77 -17.52 9.30 -21.94
CA ILE A 77 -17.91 10.69 -21.98
C ILE A 77 -18.92 10.92 -23.10
N ASN A 78 -18.59 10.45 -24.30
CA ASN A 78 -19.51 10.56 -25.42
C ASN A 78 -20.85 9.94 -25.09
N ASN A 79 -20.84 8.76 -24.48
CA ASN A 79 -22.07 8.10 -24.07
C ASN A 79 -22.90 8.98 -23.15
N ILE A 80 -22.24 9.56 -22.16
CA ILE A 80 -22.92 10.45 -21.23
C ILE A 80 -23.54 11.63 -21.98
N ILE A 81 -22.75 12.26 -22.84
CA ILE A 81 -23.25 13.37 -23.63
C ILE A 81 -24.47 12.91 -24.43
N LYS A 82 -24.36 11.74 -25.04
CA LYS A 82 -25.42 11.21 -25.90
C LYS A 82 -26.67 10.95 -25.07
N ILE A 83 -26.48 10.43 -23.87
CA ILE A 83 -27.60 10.10 -23.01
C ILE A 83 -28.31 11.35 -22.51
N VAL A 84 -27.54 12.33 -22.06
CA VAL A 84 -28.12 13.55 -21.49
C VAL A 84 -28.54 14.58 -22.55
N GLY A 85 -27.88 14.54 -23.71
CA GLY A 85 -28.20 15.47 -24.78
C GLY A 85 -27.37 16.74 -24.67
N LEU A 86 -26.16 16.61 -24.14
CA LEU A 86 -25.27 17.74 -23.95
C LEU A 86 -24.53 18.07 -25.24
N GLN A 87 -24.08 19.31 -25.35
CA GLN A 87 -23.30 19.76 -26.49
C GLN A 87 -22.16 20.64 -25.99
N TYR A 88 -20.92 20.18 -26.21
CA TYR A 88 -19.74 20.88 -25.67
C TYR A 88 -19.79 22.39 -25.93
N LYS A 89 -20.08 22.74 -27.18
CA LYS A 89 -20.04 24.13 -27.62
C LYS A 89 -21.08 24.97 -26.89
N LYS A 90 -22.30 24.43 -26.81
CA LYS A 90 -23.41 25.15 -26.21
C LYS A 90 -23.16 25.46 -24.75
N ASN A 91 -23.52 26.68 -24.36
CA ASN A 91 -23.47 27.10 -22.96
C ASN A 91 -24.87 27.10 -22.37
N TYR A 92 -25.05 26.33 -21.29
CA TYR A 92 -26.37 26.11 -20.73
C TYR A 92 -26.70 27.09 -19.62
N GLU A 93 -26.93 28.35 -20.00
CA GLU A 93 -27.30 29.38 -19.04
C GLU A 93 -28.78 29.77 -19.14
N ASP A 94 -29.52 29.11 -20.04
CA ASP A 94 -30.89 29.51 -20.34
C ASP A 94 -31.88 28.35 -20.33
N GLU A 95 -33.15 28.67 -20.10
CA GLU A 95 -34.20 27.65 -20.00
C GLU A 95 -34.30 26.83 -21.29
N ASP A 96 -34.15 27.50 -22.43
CA ASP A 96 -34.17 26.83 -23.72
C ASP A 96 -33.01 25.84 -23.79
N SER A 97 -31.85 26.27 -23.32
CA SER A 97 -30.68 25.39 -23.25
C SER A 97 -30.99 24.21 -22.32
N LEU A 98 -31.67 24.49 -21.22
CA LEU A 98 -32.01 23.47 -20.23
C LEU A 98 -33.00 22.47 -20.81
N LYS A 99 -34.06 22.99 -21.42
CA LYS A 99 -35.13 22.15 -21.97
C LYS A 99 -34.60 21.22 -23.05
N THR A 100 -33.40 21.50 -23.54
CA THR A 100 -32.76 20.67 -24.55
C THR A 100 -32.37 19.30 -24.00
N LEU A 101 -31.84 19.30 -22.78
CA LEU A 101 -31.29 18.10 -22.18
C LEU A 101 -32.34 17.03 -21.93
N ARG A 102 -31.99 15.80 -22.28
CA ARG A 102 -32.93 14.68 -22.18
C ARG A 102 -33.28 14.37 -20.73
N TYR A 103 -32.39 14.74 -19.81
CA TYR A 103 -32.63 14.54 -18.38
C TYR A 103 -32.56 15.86 -17.64
N GLY A 104 -33.19 15.91 -16.47
CA GLY A 104 -33.18 17.10 -15.65
C GLY A 104 -32.02 17.13 -14.66
N LYS A 105 -31.79 16.01 -13.98
CA LYS A 105 -30.72 15.93 -13.00
C LYS A 105 -29.92 14.64 -13.17
N ILE A 106 -28.70 14.63 -12.62
CA ILE A 106 -27.85 13.45 -12.68
C ILE A 106 -27.45 13.02 -11.27
N MET A 107 -27.92 11.84 -10.86
CA MET A 107 -27.63 11.35 -9.52
C MET A 107 -26.55 10.28 -9.59
N ILE A 108 -25.44 10.52 -8.91
CA ILE A 108 -24.32 9.59 -8.96
C ILE A 108 -24.30 8.71 -7.71
N MET A 109 -24.18 7.40 -7.89
CA MET A 109 -24.18 6.51 -6.74
C MET A 109 -22.99 5.58 -6.82
N THR A 110 -22.19 5.60 -5.75
CA THR A 110 -20.98 4.79 -5.66
C THR A 110 -20.85 4.27 -4.24
N ASP A 111 -20.03 3.25 -4.07
CA ASP A 111 -19.93 2.57 -2.79
C ASP A 111 -19.43 3.60 -1.81
N GLN A 112 -19.79 3.45 -0.54
CA GLN A 112 -19.44 4.47 0.43
C GLN A 112 -17.98 4.18 0.71
N ASP A 113 -17.19 4.38 -0.34
CA ASP A 113 -15.76 4.15 -0.31
C ASP A 113 -15.10 5.28 -1.08
N GLN A 114 -13.88 5.58 -0.65
CA GLN A 114 -13.18 6.80 -0.99
C GLN A 114 -12.99 6.88 -2.48
N ASP A 115 -12.68 5.74 -3.08
CA ASP A 115 -12.61 5.73 -4.53
C ASP A 115 -13.91 6.30 -5.09
N GLY A 116 -15.02 5.95 -4.47
CA GLY A 116 -16.31 6.49 -4.81
C GLY A 116 -16.27 8.01 -4.83
N SER A 117 -15.81 8.59 -3.73
CA SER A 117 -15.62 10.03 -3.65
C SER A 117 -14.79 10.49 -4.83
N HIS A 118 -13.76 9.73 -5.18
CA HIS A 118 -12.96 10.07 -6.34
C HIS A 118 -13.76 10.07 -7.63
N ILE A 119 -14.62 9.06 -7.81
CA ILE A 119 -15.45 8.97 -9.01
C ILE A 119 -16.44 10.12 -9.14
N LYS A 120 -17.06 10.47 -8.03
CA LYS A 120 -17.95 11.63 -7.91
C LYS A 120 -17.18 12.88 -8.32
N GLY A 121 -16.00 13.04 -7.73
CA GLY A 121 -15.13 14.14 -8.05
C GLY A 121 -14.92 14.28 -9.54
N LEU A 122 -14.48 13.18 -10.16
CA LEU A 122 -14.11 13.21 -11.58
C LEU A 122 -15.32 13.63 -12.39
N LEU A 123 -16.49 13.12 -12.02
CA LEU A 123 -17.71 13.55 -12.67
C LEU A 123 -17.92 15.06 -12.54
N ILE A 124 -17.93 15.54 -11.30
CA ILE A 124 -18.10 16.97 -11.06
C ILE A 124 -17.09 17.75 -11.90
N ASN A 125 -15.84 17.31 -11.88
CA ASN A 125 -14.78 17.95 -12.66
C ASN A 125 -15.16 17.96 -14.12
N PHE A 126 -15.59 16.82 -14.63
CA PHE A 126 -16.06 16.74 -15.99
C PHE A 126 -17.08 17.85 -16.30
N ILE A 127 -18.19 17.82 -15.55
CA ILE A 127 -19.29 18.74 -15.82
C ILE A 127 -18.81 20.18 -15.68
N HIS A 128 -18.00 20.42 -14.66
CA HIS A 128 -17.47 21.75 -14.37
C HIS A 128 -16.65 22.24 -15.55
N HIS A 129 -15.60 21.49 -15.88
CA HIS A 129 -14.72 21.87 -16.96
C HIS A 129 -15.53 22.14 -18.21
N ASN A 130 -16.46 21.25 -18.52
CA ASN A 130 -17.23 21.37 -19.76
C ASN A 130 -18.41 22.35 -19.74
N TRP A 131 -18.96 22.64 -18.57
CA TRP A 131 -20.12 23.53 -18.47
C TRP A 131 -20.29 24.11 -17.08
N PRO A 132 -19.51 25.14 -16.77
CA PRO A 132 -19.55 25.79 -15.45
C PRO A 132 -20.96 26.09 -14.98
N SER A 133 -21.80 26.55 -15.91
CA SER A 133 -23.12 27.07 -15.56
C SER A 133 -23.98 26.01 -14.90
N LEU A 134 -23.89 24.80 -15.40
CA LEU A 134 -24.75 23.73 -14.93
C LEU A 134 -24.63 23.51 -13.43
N LEU A 135 -23.41 23.60 -12.90
CA LEU A 135 -23.23 23.27 -11.49
C LEU A 135 -24.14 24.15 -10.63
N ARG A 136 -24.25 25.41 -11.02
CA ARG A 136 -25.08 26.34 -10.29
C ARG A 136 -26.53 25.88 -10.30
N HIS A 137 -26.96 25.33 -11.44
CA HIS A 137 -28.37 24.97 -11.59
C HIS A 137 -28.88 23.83 -10.69
N ARG A 138 -28.08 23.28 -9.79
CA ARG A 138 -28.51 22.08 -9.05
C ARG A 138 -28.82 20.85 -9.94
N PHE A 139 -28.01 20.72 -10.98
CA PHE A 139 -27.96 19.67 -11.99
C PHE A 139 -27.48 18.31 -11.48
N LEU A 140 -26.56 18.29 -10.52
CA LEU A 140 -26.01 17.02 -10.00
C LEU A 140 -26.39 16.60 -8.55
N GLU A 141 -26.68 15.31 -8.41
CA GLU A 141 -27.16 14.74 -7.17
C GLU A 141 -26.40 13.46 -6.88
N GLU A 142 -26.33 13.14 -5.60
CA GLU A 142 -25.58 11.98 -5.12
C GLU A 142 -26.49 11.13 -4.27
N PHE A 143 -26.54 9.84 -4.57
CA PHE A 143 -27.29 8.92 -3.76
C PHE A 143 -26.29 8.12 -2.96
N ILE A 144 -26.41 8.13 -1.62
CA ILE A 144 -25.45 7.47 -0.74
C ILE A 144 -26.03 6.27 0.06
N THR A 145 -25.23 5.21 0.21
CA THR A 145 -25.68 3.99 0.85
C THR A 145 -24.79 3.71 2.04
N PRO A 146 -25.36 3.20 3.14
CA PRO A 146 -24.60 3.02 4.38
C PRO A 146 -23.31 2.23 4.18
N ILE A 147 -22.26 2.63 4.88
CA ILE A 147 -20.99 1.91 4.81
C ILE A 147 -21.05 0.69 5.73
N VAL A 148 -21.67 0.87 6.89
CA VAL A 148 -21.75 -0.21 7.86
C VAL A 148 -23.16 -0.32 8.42
N LYS A 149 -23.55 -1.54 8.79
CA LYS A 149 -24.84 -1.77 9.43
C LYS A 149 -24.67 -2.55 10.72
N VAL A 150 -25.25 -2.04 11.81
CA VAL A 150 -25.29 -2.78 13.07
C VAL A 150 -26.73 -3.05 13.46
N SER A 151 -27.07 -4.32 13.55
CA SER A 151 -28.44 -4.71 13.88
C SER A 151 -28.45 -5.63 15.09
N LYS A 152 -29.52 -5.55 15.87
CA LYS A 152 -29.70 -6.45 17.00
C LYS A 152 -31.16 -6.50 17.42
N ASN A 153 -31.73 -7.70 17.40
CA ASN A 153 -33.13 -7.90 17.78
C ASN A 153 -34.06 -7.04 16.94
N LYS A 154 -33.94 -7.19 15.62
CA LYS A 154 -34.79 -6.46 14.69
C LYS A 154 -34.71 -4.96 14.95
N GLN A 155 -33.55 -4.53 15.44
CA GLN A 155 -33.26 -3.10 15.59
C GLN A 155 -32.04 -2.74 14.76
N GLU A 156 -32.30 -2.28 13.54
CA GLU A 156 -31.26 -1.93 12.58
C GLU A 156 -30.78 -0.50 12.79
N MET A 157 -29.46 -0.32 12.77
CA MET A 157 -28.86 1.01 12.73
C MET A 157 -27.86 1.07 11.58
N ALA A 158 -28.03 2.06 10.71
CA ALA A 158 -27.18 2.22 9.53
C ALA A 158 -26.22 3.40 9.68
N PHE A 159 -24.96 3.18 9.32
CA PHE A 159 -23.97 4.25 9.39
C PHE A 159 -23.29 4.46 8.05
N TYR A 160 -23.30 5.72 7.62
CA TYR A 160 -22.83 6.11 6.30
C TYR A 160 -21.43 6.69 6.35
N SER A 161 -20.84 6.70 7.55
CA SER A 161 -19.48 7.17 7.73
C SER A 161 -18.77 6.23 8.69
N LEU A 162 -17.49 5.99 8.45
CA LEU A 162 -16.73 5.10 9.32
C LEU A 162 -16.48 5.79 10.66
N PRO A 163 -16.12 7.08 10.63
CA PRO A 163 -15.96 7.85 11.87
C PRO A 163 -17.25 7.98 12.66
N GLU A 164 -18.38 8.05 11.95
CA GLU A 164 -19.68 8.10 12.60
C GLU A 164 -19.95 6.82 13.37
N PHE A 165 -19.62 5.69 12.75
CA PHE A 165 -19.78 4.39 13.38
C PHE A 165 -18.84 4.27 14.55
N GLU A 166 -17.57 4.61 14.31
CA GLU A 166 -16.58 4.61 15.36
C GLU A 166 -17.10 5.44 16.53
N GLU A 167 -17.68 6.59 16.21
CA GLU A 167 -18.25 7.48 17.23
C GLU A 167 -19.40 6.81 17.97
N TRP A 168 -20.28 6.15 17.23
CA TRP A 168 -21.37 5.39 17.85
C TRP A 168 -20.80 4.37 18.84
N LYS A 169 -19.72 3.69 18.43
CA LYS A 169 -19.07 2.75 19.33
C LYS A 169 -18.45 3.44 20.55
N SER A 170 -17.78 4.57 20.31
CA SER A 170 -17.16 5.33 21.39
C SER A 170 -18.23 5.84 22.36
N SER A 171 -19.38 6.21 21.82
CA SER A 171 -20.42 6.88 22.60
C SER A 171 -21.25 5.90 23.41
N THR A 172 -21.61 4.78 22.79
CA THR A 172 -22.59 3.88 23.39
C THR A 172 -21.97 2.54 23.87
N PRO A 173 -22.32 2.12 25.09
CA PRO A 173 -21.83 0.88 25.72
C PRO A 173 -22.51 -0.39 25.20
N ASN A 174 -22.25 -1.49 25.90
CA ASN A 174 -22.83 -2.81 25.55
C ASN A 174 -22.51 -3.24 24.12
N HIS A 175 -21.25 -3.06 23.73
CA HIS A 175 -20.80 -3.53 22.43
C HIS A 175 -20.53 -5.02 22.48
N LYS A 176 -20.46 -5.64 21.30
CA LYS A 176 -20.30 -7.09 21.22
C LYS A 176 -21.66 -7.74 21.41
N LYS A 177 -22.69 -6.91 21.51
CA LYS A 177 -24.06 -7.38 21.62
C LYS A 177 -24.73 -7.30 20.26
N TRP A 178 -24.39 -6.24 19.54
CA TRP A 178 -24.97 -5.98 18.22
C TRP A 178 -24.23 -6.76 17.14
N LYS A 179 -24.97 -7.18 16.11
CA LYS A 179 -24.36 -7.78 14.94
C LYS A 179 -23.92 -6.68 14.00
N VAL A 180 -22.68 -6.76 13.54
CA VAL A 180 -22.11 -5.73 12.68
C VAL A 180 -21.68 -6.30 11.33
N LYS A 181 -22.12 -5.65 10.26
CA LYS A 181 -21.75 -6.07 8.91
C LYS A 181 -21.33 -4.88 8.07
N TYR A 182 -20.21 -5.02 7.38
CA TYR A 182 -19.64 -3.93 6.58
C TYR A 182 -20.11 -4.01 5.13
N TYR A 183 -20.37 -2.84 4.55
CA TYR A 183 -20.81 -2.76 3.16
C TYR A 183 -19.78 -2.02 2.33
N LYS A 184 -18.81 -2.76 1.81
CA LYS A 184 -17.64 -2.16 1.17
C LYS A 184 -17.89 -1.91 -0.31
N GLY A 185 -19.08 -2.27 -0.78
CA GLY A 185 -19.44 -2.13 -2.17
C GLY A 185 -20.94 -2.26 -2.35
N LEU A 186 -21.48 -1.47 -3.28
CA LEU A 186 -22.90 -1.50 -3.54
C LEU A 186 -23.38 -2.93 -3.76
N GLY A 187 -22.49 -3.78 -4.27
CA GLY A 187 -22.84 -5.16 -4.54
C GLY A 187 -23.20 -5.94 -3.29
N THR A 188 -22.84 -5.39 -2.14
CA THR A 188 -23.06 -6.07 -0.87
C THR A 188 -24.50 -6.04 -0.41
N SER A 189 -25.16 -4.90 -0.60
CA SER A 189 -26.55 -4.75 -0.17
C SER A 189 -27.49 -5.43 -1.15
N THR A 190 -28.45 -6.19 -0.61
CA THR A 190 -29.41 -6.92 -1.43
C THR A 190 -30.35 -5.97 -2.17
N SER A 191 -31.17 -6.54 -3.03
CA SER A 191 -32.18 -5.79 -3.75
C SER A 191 -33.24 -5.29 -2.78
N LYS A 192 -33.58 -6.12 -1.80
CA LYS A 192 -34.47 -5.70 -0.73
C LYS A 192 -33.92 -4.44 -0.09
N GLU A 193 -32.70 -4.54 0.43
CA GLU A 193 -32.04 -3.41 1.06
C GLU A 193 -32.05 -2.22 0.12
N ALA A 194 -31.99 -2.49 -1.19
CA ALA A 194 -32.01 -1.43 -2.20
C ALA A 194 -33.36 -0.72 -2.23
N LYS A 195 -34.42 -1.50 -2.37
CA LYS A 195 -35.77 -0.95 -2.36
C LYS A 195 -35.95 -0.15 -1.09
N GLU A 196 -35.50 -0.72 0.03
CA GLU A 196 -35.58 -0.05 1.32
C GLU A 196 -34.86 1.30 1.29
N TYR A 197 -33.62 1.31 0.80
CA TYR A 197 -32.89 2.56 0.64
C TYR A 197 -33.75 3.56 -0.10
N PHE A 198 -34.17 3.18 -1.31
CA PHE A 198 -34.94 4.08 -2.15
C PHE A 198 -36.26 4.49 -1.51
N ALA A 199 -36.76 3.66 -0.60
CA ALA A 199 -37.91 4.05 0.20
C ALA A 199 -37.60 5.33 0.96
N ASP A 200 -36.57 5.30 1.80
CA ASP A 200 -36.17 6.47 2.57
C ASP A 200 -35.34 7.42 1.71
N MET A 201 -35.94 7.92 0.64
CA MET A 201 -35.23 8.70 -0.36
C MET A 201 -34.46 9.88 0.22
N LYS A 202 -35.06 10.61 1.14
CA LYS A 202 -34.47 11.84 1.67
C LYS A 202 -33.16 11.60 2.41
N ARG A 203 -33.04 10.43 3.02
CA ARG A 203 -31.86 10.08 3.79
C ARG A 203 -30.69 9.68 2.89
N HIS A 204 -30.99 9.37 1.63
CA HIS A 204 -29.96 8.92 0.70
C HIS A 204 -29.69 9.95 -0.39
N ARG A 205 -30.62 10.88 -0.60
CA ARG A 205 -30.39 11.90 -1.61
C ARG A 205 -29.67 13.11 -1.05
N ILE A 206 -28.54 13.47 -1.66
CA ILE A 206 -27.83 14.69 -1.29
C ILE A 206 -27.51 15.50 -2.54
N GLN A 207 -28.32 16.52 -2.77
CA GLN A 207 -28.15 17.39 -3.91
C GLN A 207 -26.93 18.27 -3.69
N PHE A 208 -26.16 18.52 -4.75
CA PHE A 208 -24.95 19.31 -4.62
C PHE A 208 -25.29 20.77 -4.84
N LYS A 209 -24.88 21.62 -3.89
CA LYS A 209 -25.24 23.02 -4.00
C LYS A 209 -24.02 23.88 -4.31
N TYR A 210 -24.12 24.66 -5.38
CA TYR A 210 -23.13 25.66 -5.69
C TYR A 210 -23.53 26.92 -4.95
N SER A 211 -22.72 27.33 -3.99
CA SER A 211 -23.01 28.50 -3.18
C SER A 211 -21.80 29.40 -3.15
N GLY A 212 -21.53 30.07 -4.27
CA GLY A 212 -20.39 30.94 -4.35
C GLY A 212 -19.33 30.40 -5.29
N PRO A 213 -18.29 31.19 -5.55
CA PRO A 213 -17.19 30.85 -6.45
C PRO A 213 -16.13 29.93 -5.84
N GLU A 214 -16.06 29.82 -4.52
CA GLU A 214 -15.08 28.94 -3.87
C GLU A 214 -15.03 27.56 -4.54
N ASP A 215 -16.20 27.07 -4.93
CA ASP A 215 -16.33 25.75 -5.54
C ASP A 215 -15.51 25.67 -6.82
N ASP A 216 -15.53 26.74 -7.61
CA ASP A 216 -14.85 26.72 -8.89
C ASP A 216 -13.36 26.57 -8.65
N ALA A 217 -12.88 27.23 -7.59
CA ALA A 217 -11.49 27.14 -7.20
C ALA A 217 -11.22 25.76 -6.62
N ALA A 218 -12.09 25.32 -5.71
CA ALA A 218 -11.92 24.06 -5.02
C ALA A 218 -11.84 22.89 -5.99
N ILE A 219 -12.74 22.90 -6.98
CA ILE A 219 -12.77 21.85 -7.99
C ILE A 219 -11.45 21.82 -8.75
N SER A 220 -11.09 22.96 -9.32
CA SER A 220 -9.82 23.12 -10.00
C SER A 220 -8.65 22.70 -9.10
N LEU A 221 -8.77 22.98 -7.81
CA LEU A 221 -7.74 22.57 -6.87
C LEU A 221 -7.58 21.06 -6.90
N ALA A 222 -8.68 20.36 -7.15
CA ALA A 222 -8.69 18.90 -7.09
C ALA A 222 -8.14 18.25 -8.36
N PHE A 223 -8.44 18.82 -9.52
CA PHE A 223 -8.21 18.12 -10.77
C PHE A 223 -7.43 18.88 -11.83
N SER A 224 -7.13 20.16 -11.57
CA SER A 224 -6.34 20.93 -12.52
C SER A 224 -4.93 20.38 -12.51
N LYS A 225 -4.37 20.16 -13.69
CA LYS A 225 -3.06 19.56 -13.80
C LYS A 225 -1.94 20.58 -13.71
N LYS A 226 -2.28 21.80 -13.30
CA LYS A 226 -1.28 22.83 -13.07
C LYS A 226 -1.24 23.27 -11.62
N GLN A 227 -2.15 22.75 -10.81
CA GLN A 227 -2.24 23.12 -9.41
C GLN A 227 -1.77 22.00 -8.49
N ILE A 228 -0.71 21.32 -8.89
CA ILE A 228 -0.11 20.27 -8.09
C ILE A 228 0.35 20.77 -6.73
N ASP A 229 1.15 21.83 -6.72
CA ASP A 229 1.66 22.38 -5.48
C ASP A 229 0.50 22.77 -4.58
N ASP A 230 -0.49 23.44 -5.15
CA ASP A 230 -1.68 23.80 -4.42
C ASP A 230 -2.22 22.58 -3.66
N ARG A 231 -2.25 21.43 -4.32
CA ARG A 231 -2.67 20.19 -3.68
C ARG A 231 -1.66 19.73 -2.65
N LYS A 232 -0.38 19.89 -2.92
CA LYS A 232 0.66 19.54 -1.95
C LYS A 232 0.42 20.28 -0.64
N GLU A 233 0.15 21.58 -0.72
CA GLU A 233 -0.20 22.35 0.47
C GLU A 233 -1.53 21.86 1.02
N TRP A 234 -2.53 21.80 0.14
CA TRP A 234 -3.88 21.40 0.50
C TRP A 234 -3.89 20.09 1.28
N LEU A 235 -2.95 19.20 0.96
CA LEU A 235 -2.85 17.91 1.63
C LEU A 235 -1.98 17.96 2.85
N THR A 236 -0.88 18.71 2.79
CA THR A 236 -0.05 18.91 3.97
C THR A 236 -0.89 19.47 5.11
N ASN A 237 -1.79 20.40 4.79
CA ASN A 237 -2.73 20.92 5.77
C ASN A 237 -3.50 19.78 6.39
N PHE A 238 -4.15 19.00 5.55
CA PHE A 238 -4.91 17.85 6.00
C PHE A 238 -4.09 17.00 6.97
N MET A 239 -2.96 16.51 6.48
CA MET A 239 -2.11 15.65 7.30
C MET A 239 -1.81 16.31 8.64
N GLU A 240 -1.52 17.62 8.61
CA GLU A 240 -1.24 18.37 9.84
C GLU A 240 -2.45 18.44 10.79
N ASP A 241 -3.61 18.90 10.29
CA ASP A 241 -4.80 19.01 11.12
C ASP A 241 -5.13 17.66 11.72
N ARG A 242 -4.96 16.64 10.90
CA ARG A 242 -5.17 15.27 11.35
C ARG A 242 -4.22 14.97 12.51
N ARG A 243 -2.93 15.18 12.28
CA ARG A 243 -1.91 14.94 13.29
C ARG A 243 -2.22 15.64 14.60
N GLN A 244 -2.62 16.90 14.52
CA GLN A 244 -2.96 17.66 15.72
C GLN A 244 -4.20 17.08 16.40
N ARG A 245 -5.21 16.75 15.61
CA ARG A 245 -6.42 16.12 16.16
C ARG A 245 -6.07 14.84 16.89
N LYS A 246 -5.18 14.04 16.30
CA LYS A 246 -4.77 12.77 16.91
C LYS A 246 -4.14 12.99 18.28
N LEU A 247 -3.13 13.84 18.35
CA LEU A 247 -2.40 14.11 19.60
C LEU A 247 -3.34 14.55 20.72
N LEU A 248 -4.21 15.50 20.41
CA LEU A 248 -5.16 16.03 21.38
C LEU A 248 -6.15 14.95 21.81
N GLY A 249 -6.26 13.90 21.01
CA GLY A 249 -7.22 12.84 21.28
C GLY A 249 -8.62 13.29 20.95
N LEU A 250 -8.74 14.24 20.03
CA LEU A 250 -10.04 14.70 19.59
C LEU A 250 -10.57 13.81 18.48
N PRO A 251 -11.90 13.71 18.38
CA PRO A 251 -12.52 12.98 17.27
C PRO A 251 -12.39 13.80 16.00
N GLU A 252 -12.58 13.18 14.84
CA GLU A 252 -12.56 13.90 13.58
C GLU A 252 -13.98 14.08 13.07
N ASP A 253 -14.23 15.20 12.43
CA ASP A 253 -15.56 15.50 11.93
C ASP A 253 -15.85 14.64 10.70
N TYR A 254 -17.09 14.15 10.60
CA TYR A 254 -17.49 13.29 9.50
C TYR A 254 -18.74 13.82 8.81
N LEU A 255 -18.89 13.51 7.54
CA LEU A 255 -20.06 13.92 6.77
C LEU A 255 -21.17 12.86 6.82
N TYR A 256 -22.37 13.28 6.42
CA TYR A 256 -23.47 12.35 6.25
C TYR A 256 -23.86 11.86 7.62
N GLY A 257 -23.40 12.55 8.65
CA GLY A 257 -23.74 12.12 10.00
C GLY A 257 -25.23 11.89 10.17
N GLN A 258 -26.01 12.91 9.86
CA GLN A 258 -27.47 12.81 9.91
C GLN A 258 -28.00 13.04 8.51
N THR A 259 -29.31 13.19 8.39
CA THR A 259 -29.85 13.45 7.07
C THR A 259 -29.61 14.92 6.80
N THR A 260 -28.73 15.17 5.85
CA THR A 260 -28.37 16.53 5.48
C THR A 260 -28.77 16.70 4.03
N THR A 261 -29.56 17.72 3.76
CA THR A 261 -30.16 17.92 2.43
C THR A 261 -29.22 18.16 1.25
N TYR A 262 -28.21 18.99 1.43
CA TYR A 262 -27.33 19.38 0.34
C TYR A 262 -25.88 19.57 0.80
N LEU A 263 -24.93 19.48 -0.12
CA LEU A 263 -23.54 19.64 0.26
C LEU A 263 -22.88 20.56 -0.77
N THR A 264 -22.08 21.51 -0.30
CA THR A 264 -21.38 22.45 -1.17
C THR A 264 -20.25 21.74 -1.88
N TYR A 265 -19.96 22.15 -3.11
CA TYR A 265 -18.83 21.53 -3.82
C TYR A 265 -17.57 21.69 -3.00
N ASN A 266 -17.39 22.85 -2.38
CA ASN A 266 -16.23 23.10 -1.55
C ASN A 266 -16.19 22.10 -0.38
N ASP A 267 -17.32 21.95 0.29
CA ASP A 267 -17.44 20.96 1.36
C ASP A 267 -16.99 19.60 0.82
N PHE A 268 -17.63 19.14 -0.24
CA PHE A 268 -17.31 17.86 -0.83
C PHE A 268 -15.80 17.73 -1.01
N ILE A 269 -15.22 18.62 -1.80
CA ILE A 269 -13.81 18.55 -2.12
C ILE A 269 -12.96 18.47 -0.85
N ASN A 270 -13.14 19.44 0.03
CA ASN A 270 -12.23 19.59 1.17
C ASN A 270 -12.52 18.62 2.33
N LYS A 271 -13.73 18.07 2.36
CA LYS A 271 -14.12 17.17 3.44
C LYS A 271 -14.06 15.71 3.01
N GLU A 272 -14.55 15.43 1.79
CA GLU A 272 -14.66 14.05 1.30
C GLU A 272 -13.54 13.68 0.33
N LEU A 273 -13.37 14.44 -0.73
CA LEU A 273 -12.39 14.13 -1.75
C LEU A 273 -10.96 14.06 -1.20
N ILE A 274 -10.63 14.98 -0.31
CA ILE A 274 -9.29 15.04 0.27
C ILE A 274 -8.95 13.73 0.99
N LEU A 275 -9.96 13.14 1.61
CA LEU A 275 -9.80 11.85 2.26
C LEU A 275 -9.23 10.85 1.28
N PHE A 276 -9.93 10.69 0.16
CA PHE A 276 -9.46 9.79 -0.87
C PHE A 276 -8.01 10.09 -1.19
N SER A 277 -7.70 11.36 -1.48
CA SER A 277 -6.36 11.75 -1.91
C SER A 277 -5.31 11.26 -0.94
N ASN A 278 -5.52 11.55 0.36
CA ASN A 278 -4.61 11.07 1.38
C ASN A 278 -4.51 9.56 1.40
N SER A 279 -5.64 8.88 1.21
CA SER A 279 -5.64 7.42 1.17
C SER A 279 -4.83 6.90 -0.03
N ASP A 280 -5.00 7.56 -1.16
CA ASP A 280 -4.26 7.23 -2.36
C ASP A 280 -2.79 7.34 -2.02
N ASN A 281 -2.41 8.47 -1.44
CA ASN A 281 -1.04 8.66 -0.99
C ASN A 281 -0.59 7.53 -0.07
N GLU A 282 -1.42 7.20 0.92
CA GLU A 282 -1.07 6.17 1.90
C GLU A 282 -0.89 4.80 1.28
N ARG A 283 -1.67 4.50 0.24
CA ARG A 283 -1.55 3.21 -0.44
C ARG A 283 -0.55 3.24 -1.58
N SER A 284 -0.23 4.43 -2.06
CA SER A 284 0.68 4.58 -3.20
C SER A 284 2.14 4.72 -2.79
N ILE A 285 2.41 5.56 -1.80
CA ILE A 285 3.78 5.90 -1.40
C ILE A 285 4.25 5.15 -0.16
N PRO A 286 5.39 4.47 -0.27
CA PRO A 286 5.92 3.59 0.80
C PRO A 286 6.45 4.35 2.02
N SER A 287 6.90 3.64 3.04
CA SER A 287 7.45 4.26 4.25
C SER A 287 8.98 4.12 4.35
N MET A 288 9.69 5.21 4.66
CA MET A 288 11.14 5.22 4.60
C MET A 288 11.74 4.08 5.44
N VAL A 289 10.98 3.64 6.43
CA VAL A 289 11.49 2.69 7.43
C VAL A 289 11.64 1.29 6.86
N ASP A 290 10.58 0.79 6.22
CA ASP A 290 10.62 -0.57 5.70
C ASP A 290 10.66 -0.54 4.18
N GLY A 291 10.26 0.60 3.61
CA GLY A 291 10.21 0.74 2.18
C GLY A 291 9.03 -0.03 1.63
N LEU A 292 8.12 -0.45 2.51
CA LEU A 292 6.98 -1.22 2.03
C LEU A 292 5.67 -0.43 2.08
N LYS A 293 4.82 -0.65 1.08
CA LYS A 293 3.48 -0.09 1.11
C LYS A 293 2.61 -0.99 1.99
N PRO A 294 1.53 -0.45 2.55
CA PRO A 294 0.66 -1.23 3.44
C PRO A 294 0.47 -2.67 2.95
N GLY A 295 -0.13 -2.84 1.78
CA GLY A 295 -0.39 -4.15 1.22
C GLY A 295 0.79 -5.11 1.27
N GLN A 296 1.95 -4.64 0.80
CA GLN A 296 3.18 -5.42 0.89
C GLN A 296 3.45 -5.78 2.34
N ARG A 297 3.27 -4.81 3.23
CA ARG A 297 3.53 -5.01 4.65
C ARG A 297 2.56 -6.04 5.23
N LYS A 298 1.35 -6.07 4.69
CA LYS A 298 0.33 -7.02 5.11
C LYS A 298 0.72 -8.42 4.66
N VAL A 299 1.17 -8.54 3.41
CA VAL A 299 1.67 -9.84 2.93
C VAL A 299 2.84 -10.32 3.78
N LEU A 300 3.83 -9.44 3.97
CA LEU A 300 5.02 -9.81 4.72
C LEU A 300 4.67 -10.18 6.16
N PHE A 301 3.86 -9.34 6.79
CA PHE A 301 3.36 -9.61 8.12
C PHE A 301 2.69 -10.97 8.17
N THR A 302 1.81 -11.23 7.22
CA THR A 302 1.18 -12.54 7.09
C THR A 302 2.21 -13.66 7.06
N CYS A 303 3.17 -13.54 6.15
CA CYS A 303 4.20 -14.56 6.02
C CYS A 303 4.92 -14.77 7.34
N PHE A 304 5.21 -13.67 8.03
CA PHE A 304 5.86 -13.75 9.33
C PHE A 304 4.94 -14.44 10.34
N LYS A 305 3.66 -14.09 10.30
CA LYS A 305 2.68 -14.66 11.23
C LYS A 305 2.65 -16.18 11.17
N ARG A 306 2.83 -16.74 9.97
CA ARG A 306 2.97 -18.18 9.82
C ARG A 306 4.42 -18.57 9.54
N ASN A 307 5.00 -19.39 10.40
CA ASN A 307 6.39 -19.79 10.22
C ASN A 307 6.57 -20.41 8.86
N ASP A 308 5.64 -21.28 8.50
CA ASP A 308 5.49 -21.70 7.12
C ASP A 308 6.75 -22.14 6.38
N LYS A 309 7.51 -23.05 6.96
CA LYS A 309 8.70 -23.58 6.29
C LYS A 309 8.53 -24.23 4.93
N ARG A 310 7.44 -24.99 4.76
CA ARG A 310 7.15 -25.59 3.45
C ARG A 310 6.62 -24.52 2.49
N GLU A 311 6.87 -24.72 1.19
CA GLU A 311 6.39 -23.79 0.17
C GLU A 311 4.88 -23.75 0.11
N VAL A 312 4.33 -22.56 -0.17
CA VAL A 312 2.89 -22.35 -0.22
C VAL A 312 2.47 -21.83 -1.58
N LYS A 313 1.33 -22.31 -2.07
CA LYS A 313 0.79 -21.88 -3.35
C LYS A 313 0.36 -20.43 -3.27
N VAL A 314 0.87 -19.61 -4.17
CA VAL A 314 0.64 -18.17 -4.10
C VAL A 314 -0.83 -17.85 -3.81
N ALA A 315 -1.73 -18.37 -4.65
CA ALA A 315 -3.16 -18.09 -4.50
C ALA A 315 -3.63 -18.33 -3.06
N GLN A 316 -3.17 -19.44 -2.50
CA GLN A 316 -3.52 -19.84 -1.15
C GLN A 316 -3.03 -18.81 -0.13
N LEU A 317 -1.72 -18.53 -0.20
CA LEU A 317 -1.11 -17.52 0.63
C LEU A 317 -1.90 -16.22 0.56
N ALA A 318 -2.17 -15.76 -0.66
CA ALA A 318 -3.01 -14.60 -0.89
C ALA A 318 -4.32 -14.69 -0.11
N GLY A 319 -4.99 -15.84 -0.19
CA GLY A 319 -6.15 -16.10 0.65
C GLY A 319 -5.92 -15.81 2.11
N SER A 320 -4.95 -16.52 2.69
CA SER A 320 -4.64 -16.36 4.10
C SER A 320 -4.29 -14.92 4.45
N VAL A 321 -3.64 -14.23 3.52
CA VAL A 321 -3.29 -12.82 3.71
C VAL A 321 -4.54 -11.95 3.75
N ALA A 322 -5.44 -12.14 2.78
CA ALA A 322 -6.69 -11.42 2.79
C ALA A 322 -7.36 -11.63 4.14
N GLU A 323 -7.40 -12.87 4.62
CA GLU A 323 -7.96 -13.12 5.94
C GLU A 323 -7.19 -12.44 7.08
N MET A 324 -5.98 -12.91 7.36
CA MET A 324 -5.20 -12.46 8.52
C MET A 324 -4.88 -10.97 8.51
N SER A 325 -4.57 -10.43 7.34
CA SER A 325 -4.12 -9.06 7.22
C SER A 325 -5.27 -8.08 7.08
N SER A 326 -6.49 -8.61 7.13
CA SER A 326 -7.67 -7.74 7.05
C SER A 326 -7.55 -6.81 5.83
N TYR A 327 -6.95 -7.31 4.76
CA TYR A 327 -6.81 -6.56 3.52
C TYR A 327 -8.13 -6.58 2.77
N HIS A 328 -8.58 -5.41 2.32
CA HIS A 328 -9.94 -5.25 1.79
C HIS A 328 -10.04 -5.03 0.27
N HIS A 329 -8.90 -4.93 -0.41
CA HIS A 329 -8.91 -4.53 -1.82
C HIS A 329 -8.74 -5.69 -2.80
N GLY A 330 -9.23 -6.86 -2.43
CA GLY A 330 -9.25 -8.00 -3.33
C GLY A 330 -8.00 -8.84 -3.29
N GLU A 331 -8.07 -10.02 -3.90
CA GLU A 331 -6.96 -10.96 -3.87
C GLU A 331 -6.08 -10.87 -5.12
N MET A 332 -6.60 -10.25 -6.18
CA MET A 332 -5.80 -10.01 -7.38
C MET A 332 -4.59 -9.16 -7.02
N SER A 333 -4.88 -7.89 -6.69
CA SER A 333 -3.82 -6.95 -6.33
C SER A 333 -2.87 -7.62 -5.35
N LEU A 334 -3.43 -8.41 -4.46
CA LEU A 334 -2.66 -9.06 -3.42
C LEU A 334 -1.64 -10.03 -4.00
N MET A 335 -2.12 -10.94 -4.83
CA MET A 335 -1.22 -11.89 -5.47
C MET A 335 -0.17 -11.13 -6.28
N MET A 336 -0.63 -10.14 -7.04
CA MET A 336 0.30 -9.33 -7.80
C MET A 336 1.39 -8.83 -6.85
N THR A 337 0.97 -8.27 -5.73
CA THR A 337 1.88 -7.77 -4.71
C THR A 337 2.87 -8.85 -4.29
N ILE A 338 2.36 -10.06 -4.06
CA ILE A 338 3.22 -11.17 -3.65
C ILE A 338 4.26 -11.47 -4.72
N ILE A 339 3.81 -11.54 -5.97
CA ILE A 339 4.71 -11.79 -7.08
C ILE A 339 5.77 -10.70 -7.17
N ASN A 340 5.34 -9.44 -7.05
CA ASN A 340 6.26 -8.32 -6.99
C ASN A 340 7.32 -8.54 -5.91
N LEU A 341 6.87 -8.79 -4.68
CA LEU A 341 7.78 -9.07 -3.58
C LEU A 341 8.75 -10.19 -3.91
N ALA A 342 8.26 -11.25 -4.53
CA ALA A 342 9.12 -12.42 -4.78
C ALA A 342 10.07 -12.27 -5.97
N GLN A 343 9.87 -11.25 -6.81
CA GLN A 343 10.66 -11.11 -8.04
C GLN A 343 12.12 -10.77 -7.81
N ASN A 344 12.97 -11.27 -8.69
CA ASN A 344 14.40 -11.09 -8.57
C ASN A 344 15.11 -11.13 -9.91
N PHE A 345 14.54 -10.47 -10.93
CA PHE A 345 15.23 -10.34 -12.21
C PHE A 345 15.93 -8.99 -12.27
N VAL A 346 16.91 -8.89 -13.17
CA VAL A 346 17.72 -7.68 -13.27
C VAL A 346 16.86 -6.42 -13.40
N GLY A 347 16.96 -5.52 -12.42
CA GLY A 347 16.28 -4.25 -12.51
C GLY A 347 15.01 -4.21 -11.68
N SER A 348 14.79 -5.28 -10.92
CA SER A 348 13.59 -5.46 -10.13
C SER A 348 13.87 -5.25 -8.64
N ASN A 349 14.34 -6.29 -7.96
CA ASN A 349 14.62 -6.23 -6.53
C ASN A 349 16.05 -6.71 -6.29
N ASN A 350 16.83 -5.89 -5.59
CA ASN A 350 18.20 -6.25 -5.21
C ASN A 350 18.18 -7.37 -4.18
N LEU A 351 17.17 -7.32 -3.33
CA LEU A 351 17.01 -8.35 -2.32
C LEU A 351 15.54 -8.71 -2.21
N ASN A 352 15.17 -9.85 -2.80
CA ASN A 352 13.79 -10.32 -2.73
C ASN A 352 13.50 -11.04 -1.43
N LEU A 353 12.49 -10.56 -0.70
CA LEU A 353 12.09 -11.15 0.56
C LEU A 353 11.44 -12.52 0.36
N LEU A 354 10.63 -12.65 -0.69
CA LEU A 354 9.93 -13.89 -0.98
C LEU A 354 10.64 -14.65 -2.10
N GLN A 355 10.60 -15.96 -2.02
CA GLN A 355 11.27 -16.79 -3.02
C GLN A 355 10.34 -17.15 -4.17
N PRO A 356 10.81 -16.98 -5.41
CA PRO A 356 10.04 -17.32 -6.59
C PRO A 356 10.16 -18.80 -6.94
N ILE A 357 9.36 -19.64 -6.29
CA ILE A 357 9.35 -21.07 -6.61
C ILE A 357 8.43 -21.31 -7.81
N GLY A 358 8.97 -21.03 -9.00
CA GLY A 358 8.22 -21.16 -10.23
C GLY A 358 8.48 -19.98 -11.15
N GLN A 359 7.49 -19.64 -11.97
CA GLN A 359 7.61 -18.53 -12.91
C GLN A 359 6.94 -17.26 -12.38
N PHE A 360 7.76 -16.26 -12.05
CA PHE A 360 7.26 -15.01 -11.48
C PHE A 360 7.56 -13.80 -12.38
N GLY A 361 7.85 -14.07 -13.66
CA GLY A 361 8.16 -12.99 -14.60
C GLY A 361 9.66 -12.78 -14.72
N THR A 362 10.13 -12.41 -15.92
CA THR A 362 11.55 -12.22 -16.16
C THR A 362 11.85 -10.84 -16.71
N ARG A 363 13.14 -10.61 -17.01
CA ARG A 363 13.59 -9.35 -17.60
C ARG A 363 13.08 -9.21 -19.04
N LEU A 364 12.58 -10.31 -19.60
CA LEU A 364 12.00 -10.30 -20.94
C LEU A 364 10.84 -9.34 -21.02
N HIS A 365 9.98 -9.38 -20.01
CA HIS A 365 8.75 -8.62 -20.06
C HIS A 365 8.50 -7.81 -18.79
N GLY A 366 9.54 -7.63 -17.99
CA GLY A 366 9.42 -6.81 -16.81
C GLY A 366 8.48 -7.38 -15.78
N GLY A 367 8.62 -8.68 -15.53
CA GLY A 367 7.81 -9.37 -14.54
C GLY A 367 6.39 -9.62 -14.99
N LYS A 368 6.06 -9.15 -16.19
CA LYS A 368 4.70 -9.29 -16.71
C LYS A 368 4.45 -10.71 -17.20
N ASP A 369 5.50 -11.36 -17.69
CA ASP A 369 5.37 -12.70 -18.26
C ASP A 369 5.12 -13.80 -17.23
N SER A 370 4.87 -13.40 -15.98
CA SER A 370 4.68 -14.35 -14.88
C SER A 370 3.49 -15.29 -15.02
N ALA A 371 3.60 -16.46 -14.41
CA ALA A 371 2.57 -17.51 -14.52
C ALA A 371 1.39 -17.30 -13.58
N SER A 372 0.41 -18.18 -13.71
CA SER A 372 -0.83 -18.07 -12.96
C SER A 372 -0.60 -18.33 -11.47
N PRO A 373 -1.10 -17.41 -10.62
CA PRO A 373 -0.93 -17.54 -9.16
C PRO A 373 -1.19 -18.95 -8.63
N ARG A 374 -2.02 -19.71 -9.33
CA ARG A 374 -2.38 -21.04 -8.85
C ARG A 374 -1.34 -22.08 -9.25
N TYR A 375 -0.39 -21.68 -10.10
CA TYR A 375 0.64 -22.61 -10.58
C TYR A 375 2.00 -22.35 -9.95
N ILE A 376 2.12 -21.25 -9.23
CA ILE A 376 3.42 -20.84 -8.69
C ILE A 376 3.40 -20.91 -7.17
N PHE A 377 4.58 -21.11 -6.58
CA PHE A 377 4.71 -21.21 -5.14
C PHE A 377 5.73 -20.23 -4.59
N THR A 378 5.50 -19.76 -3.37
CA THR A 378 6.42 -18.85 -2.73
C THR A 378 6.80 -19.30 -1.33
N MET A 379 7.66 -18.52 -0.68
CA MET A 379 8.09 -18.79 0.67
C MET A 379 8.92 -17.60 1.11
N LEU A 380 9.14 -17.43 2.41
CA LEU A 380 10.07 -16.41 2.88
C LEU A 380 11.49 -16.85 2.58
N SER A 381 12.32 -15.93 2.08
CA SER A 381 13.72 -16.21 1.87
C SER A 381 14.42 -16.25 3.22
N SER A 382 15.54 -16.96 3.31
CA SER A 382 16.24 -17.08 4.59
C SER A 382 16.66 -15.71 5.12
N LEU A 383 17.06 -14.81 4.22
CA LEU A 383 17.50 -13.48 4.62
C LEU A 383 16.35 -12.64 5.21
N ALA A 384 15.12 -13.06 4.93
CA ALA A 384 13.95 -12.23 5.18
C ALA A 384 13.75 -11.88 6.66
N ARG A 385 13.91 -12.87 7.53
CA ARG A 385 13.65 -12.65 8.94
C ARG A 385 14.90 -12.12 9.62
N LEU A 386 16.05 -12.40 9.01
CA LEU A 386 17.30 -11.82 9.46
C LEU A 386 17.19 -10.31 9.34
N LEU A 387 16.73 -9.85 8.16
CA LEU A 387 16.53 -8.43 7.92
C LEU A 387 15.45 -7.82 8.80
N PHE A 388 14.48 -8.62 9.21
CA PHE A 388 13.41 -8.15 10.08
C PHE A 388 13.52 -9.11 11.25
N PRO A 389 14.45 -8.84 12.16
CA PRO A 389 14.66 -9.66 13.36
C PRO A 389 13.38 -10.04 14.06
N PRO A 390 13.25 -11.33 14.41
CA PRO A 390 12.08 -11.80 15.15
C PRO A 390 11.91 -11.05 16.46
N LYS A 391 13.00 -10.51 16.99
CA LYS A 391 13.00 -9.87 18.30
C LYS A 391 12.46 -8.45 18.25
N ASP A 392 12.76 -7.74 17.15
CA ASP A 392 12.44 -6.32 17.03
C ASP A 392 10.94 -6.05 17.09
N ASP A 393 10.15 -6.99 16.60
CA ASP A 393 8.71 -6.77 16.45
C ASP A 393 7.98 -6.68 17.78
N HIS A 394 8.72 -6.77 18.87
CA HIS A 394 8.14 -6.53 20.18
C HIS A 394 7.99 -5.02 20.40
N THR A 395 8.77 -4.25 19.64
CA THR A 395 8.76 -2.80 19.74
C THR A 395 7.82 -2.16 18.72
N LEU A 396 7.46 -2.92 17.68
CA LEU A 396 6.58 -2.42 16.64
C LEU A 396 5.18 -2.18 17.17
N LYS A 397 4.54 -1.11 16.73
CA LYS A 397 3.17 -0.85 17.10
C LYS A 397 2.26 -1.52 16.08
N PHE A 398 1.55 -2.55 16.52
CA PHE A 398 0.64 -3.29 15.64
C PHE A 398 -0.75 -2.66 15.64
N LEU A 399 -1.35 -2.56 14.47
CA LEU A 399 -2.65 -1.92 14.34
C LEU A 399 -3.80 -2.94 14.44
N TYR A 400 -4.91 -2.53 15.03
CA TYR A 400 -6.04 -3.43 15.24
C TYR A 400 -7.26 -3.00 14.44
N ASP A 401 -7.02 -2.41 13.27
CA ASP A 401 -8.12 -1.98 12.41
C ASP A 401 -8.98 -3.17 12.00
N ASP A 402 -10.26 -2.89 11.75
CA ASP A 402 -11.21 -3.94 11.41
C ASP A 402 -11.37 -4.89 12.60
N ASN A 403 -10.98 -4.43 13.78
CA ASN A 403 -11.18 -5.17 15.03
C ASN A 403 -10.17 -6.29 15.24
N GLN A 404 -9.35 -6.54 14.22
CA GLN A 404 -8.43 -7.68 14.24
C GLN A 404 -6.99 -7.19 14.24
N ARG A 405 -6.12 -7.88 14.97
CA ARG A 405 -4.71 -7.56 14.97
C ARG A 405 -4.15 -7.81 13.58
N VAL A 406 -3.49 -6.80 13.03
CA VAL A 406 -2.90 -6.92 11.71
C VAL A 406 -1.40 -6.57 11.77
N GLU A 407 -0.86 -6.08 10.67
CA GLU A 407 0.54 -5.69 10.59
C GLU A 407 0.81 -4.43 11.42
N PRO A 408 2.09 -4.09 11.60
CA PRO A 408 2.44 -2.82 12.25
C PRO A 408 2.33 -1.63 11.31
N GLU A 409 2.83 -0.49 11.72
CA GLU A 409 2.86 0.68 10.86
C GLU A 409 4.09 0.60 9.98
N TRP A 410 5.17 0.06 10.53
CA TRP A 410 6.36 -0.23 9.77
C TRP A 410 7.08 -1.38 10.44
N TYR A 411 7.89 -2.09 9.66
CA TYR A 411 8.79 -3.09 10.22
C TYR A 411 10.19 -2.46 10.31
N ILE A 412 10.99 -2.88 11.28
CA ILE A 412 12.32 -2.28 11.48
C ILE A 412 13.44 -3.18 10.97
N PRO A 413 13.86 -2.98 9.72
CA PRO A 413 14.95 -3.76 9.12
C PRO A 413 16.34 -3.41 9.67
N ILE A 414 17.29 -4.35 9.64
CA ILE A 414 18.65 -4.06 10.07
C ILE A 414 19.38 -3.17 9.06
N ILE A 415 18.87 -3.13 7.83
CA ILE A 415 19.38 -2.24 6.80
C ILE A 415 18.20 -1.48 6.22
N PRO A 416 18.43 -0.26 5.70
CA PRO A 416 17.30 0.46 5.12
C PRO A 416 16.79 -0.20 3.83
N MET A 417 15.58 -0.69 3.84
CA MET A 417 15.13 -1.51 2.73
C MET A 417 14.74 -0.60 1.58
N VAL A 418 14.35 0.63 1.92
CA VAL A 418 13.89 1.56 0.91
C VAL A 418 14.93 1.68 -0.19
N LEU A 419 16.20 1.75 0.21
CA LEU A 419 17.27 2.09 -0.71
C LEU A 419 17.87 0.86 -1.39
N ILE A 420 17.49 -0.33 -0.94
CA ILE A 420 18.05 -1.54 -1.51
C ILE A 420 17.14 -2.11 -2.60
N ASN A 421 15.83 -1.97 -2.40
CA ASN A 421 14.86 -2.40 -3.39
C ASN A 421 14.20 -1.22 -4.07
N GLY A 422 14.64 -0.03 -3.69
CA GLY A 422 14.10 1.18 -4.28
C GLY A 422 12.66 1.38 -3.88
N ALA A 423 12.00 2.32 -4.53
CA ALA A 423 10.61 2.65 -4.20
C ALA A 423 9.97 3.46 -5.32
N GLU A 424 8.82 2.99 -5.78
CA GLU A 424 8.12 3.64 -6.88
C GLU A 424 6.65 3.85 -6.56
N GLY A 425 6.18 5.09 -6.67
CA GLY A 425 4.80 5.40 -6.36
C GLY A 425 4.24 6.62 -7.05
N ILE A 426 2.93 6.59 -7.28
CA ILE A 426 2.20 7.73 -7.81
C ILE A 426 0.97 7.97 -6.96
N GLY A 427 0.86 9.17 -6.39
CA GLY A 427 -0.29 9.50 -5.58
C GLY A 427 -1.03 10.71 -6.10
N THR A 428 -1.61 11.46 -5.17
CA THR A 428 -2.13 12.78 -5.49
C THR A 428 -1.24 13.88 -4.90
N GLY A 429 -0.79 14.77 -5.78
CA GLY A 429 0.10 15.85 -5.41
C GLY A 429 1.53 15.40 -5.15
N TRP A 430 1.79 14.10 -5.22
CA TRP A 430 3.11 13.58 -4.90
C TRP A 430 3.46 12.35 -5.75
N SER A 431 4.75 12.10 -5.92
CA SER A 431 5.25 10.95 -6.65
C SER A 431 6.45 10.43 -5.90
N CYS A 432 6.85 9.20 -6.19
CA CYS A 432 8.04 8.65 -5.57
C CYS A 432 8.88 7.80 -6.52
N LYS A 433 10.17 8.08 -6.57
CA LYS A 433 11.12 7.26 -7.30
C LYS A 433 12.43 7.12 -6.54
N ILE A 434 12.75 5.89 -6.16
CA ILE A 434 14.00 5.59 -5.48
C ILE A 434 14.60 4.37 -6.16
N PRO A 435 15.88 4.47 -6.55
CA PRO A 435 16.58 3.38 -7.22
C PRO A 435 17.12 2.36 -6.23
N ASN A 436 17.69 1.29 -6.74
CA ASN A 436 18.29 0.28 -5.88
C ASN A 436 19.75 0.61 -5.57
N PHE A 437 20.23 0.13 -4.43
CA PHE A 437 21.61 0.34 -4.03
C PHE A 437 22.24 -0.96 -3.52
N ASP A 438 23.53 -1.10 -3.75
CA ASP A 438 24.25 -2.31 -3.35
C ASP A 438 24.15 -2.51 -1.85
N VAL A 439 23.83 -3.73 -1.44
CA VAL A 439 23.60 -4.07 -0.03
C VAL A 439 24.86 -3.90 0.80
N ARG A 440 25.97 -4.44 0.31
CA ARG A 440 27.24 -4.35 1.01
C ARG A 440 27.48 -2.90 1.36
N GLU A 441 27.50 -2.04 0.33
CA GLU A 441 27.74 -0.62 0.54
C GLU A 441 26.84 -0.05 1.61
N ILE A 442 25.57 -0.45 1.58
CA ILE A 442 24.65 -0.02 2.61
C ILE A 442 25.23 -0.41 3.96
N VAL A 443 25.47 -1.71 4.12
CA VAL A 443 26.03 -2.22 5.36
C VAL A 443 27.22 -1.38 5.79
N ASN A 444 28.20 -1.30 4.89
CA ASN A 444 29.38 -0.50 5.11
C ASN A 444 29.08 0.90 5.66
N ASN A 445 28.23 1.65 4.97
CA ASN A 445 27.92 2.99 5.40
C ASN A 445 27.19 3.03 6.73
N ILE A 446 26.43 1.99 7.03
CA ILE A 446 25.78 1.87 8.33
C ILE A 446 26.82 1.56 9.40
N ARG A 447 27.79 0.75 9.00
CA ARG A 447 28.87 0.32 9.89
C ARG A 447 29.75 1.54 10.10
N ARG A 448 29.87 2.33 9.05
CA ARG A 448 30.80 3.44 9.01
C ARG A 448 30.23 4.53 9.86
N LEU A 449 28.93 4.74 9.67
CA LEU A 449 28.20 5.75 10.42
C LEU A 449 28.13 5.35 11.88
N MET A 450 27.92 4.06 12.13
CA MET A 450 27.84 3.54 13.50
C MET A 450 29.17 3.67 14.22
N ASP A 451 30.23 3.36 13.49
CA ASP A 451 31.60 3.45 14.00
C ASP A 451 31.84 4.85 14.57
N GLY A 452 31.37 5.87 13.86
CA GLY A 452 31.58 7.25 14.28
C GLY A 452 32.21 8.07 13.19
N GLU A 453 31.85 7.76 11.94
CA GLU A 453 32.42 8.44 10.79
C GLU A 453 31.34 8.80 9.79
N GLU A 454 31.56 9.87 9.04
CA GLU A 454 30.62 10.27 8.00
C GLU A 454 30.58 9.21 6.90
N PRO A 455 29.41 9.03 6.27
CA PRO A 455 29.14 8.01 5.24
C PRO A 455 29.70 8.34 3.86
N LEU A 456 30.07 7.30 3.13
CA LEU A 456 30.57 7.46 1.78
C LEU A 456 29.42 7.73 0.81
N PRO A 457 29.66 8.56 -0.21
CA PRO A 457 28.62 8.77 -1.22
C PRO A 457 28.28 7.46 -1.91
N MET A 458 27.01 7.25 -2.25
CA MET A 458 26.58 6.00 -2.85
C MET A 458 25.97 6.17 -4.23
N LEU A 459 26.33 5.26 -5.12
CA LEU A 459 25.90 5.31 -6.50
C LEU A 459 24.98 4.11 -6.78
N PRO A 460 23.80 4.37 -7.37
CA PRO A 460 22.81 3.34 -7.70
C PRO A 460 23.43 2.03 -8.18
N SER A 461 22.97 0.93 -7.61
CA SER A 461 23.46 -0.39 -7.98
C SER A 461 22.30 -1.36 -8.16
N TYR A 462 22.39 -2.19 -9.20
CA TYR A 462 21.31 -3.11 -9.52
C TYR A 462 21.82 -4.55 -9.60
N LYS A 463 21.30 -5.41 -8.75
CA LYS A 463 21.76 -6.79 -8.66
C LYS A 463 21.87 -7.43 -10.04
N ASN A 464 23.06 -7.95 -10.33
CA ASN A 464 23.31 -8.71 -11.55
C ASN A 464 23.29 -7.84 -12.80
N PHE A 465 23.28 -6.53 -12.62
CA PHE A 465 23.37 -5.60 -13.73
C PHE A 465 24.82 -5.50 -14.19
N LYS A 466 25.03 -5.59 -15.50
CA LYS A 466 26.40 -5.60 -16.03
C LYS A 466 26.87 -4.24 -16.54
N GLY A 467 25.95 -3.47 -17.13
CA GLY A 467 26.28 -2.16 -17.65
C GLY A 467 26.77 -1.20 -16.58
N THR A 468 26.90 0.07 -16.92
CA THR A 468 27.52 1.05 -16.03
C THR A 468 26.59 2.22 -15.70
N ILE A 469 26.67 2.71 -14.47
CA ILE A 469 25.82 3.79 -14.00
C ILE A 469 26.64 5.00 -13.61
N GLU A 470 26.50 6.10 -14.36
CA GLU A 470 27.28 7.31 -14.12
C GLU A 470 26.42 8.43 -13.52
N GLU A 471 27.02 9.28 -12.70
CA GLU A 471 26.29 10.41 -12.12
C GLU A 471 26.70 11.73 -12.77
N LEU A 472 25.90 12.20 -13.71
CA LEU A 472 26.17 13.45 -14.41
C LEU A 472 26.06 14.66 -13.48
N ALA A 473 25.23 14.53 -12.45
CA ALA A 473 24.96 15.62 -11.53
C ALA A 473 24.35 15.07 -10.26
N PRO A 474 24.13 15.91 -9.24
CA PRO A 474 23.49 15.40 -8.03
C PRO A 474 22.07 14.93 -8.30
N ASN A 475 21.75 13.69 -7.93
CA ASN A 475 20.43 13.12 -8.19
C ASN A 475 20.14 12.90 -9.67
N GLN A 476 21.14 13.12 -10.53
CA GLN A 476 20.98 12.89 -11.97
C GLN A 476 21.94 11.84 -12.47
N TYR A 477 21.42 10.72 -12.95
CA TYR A 477 22.29 9.62 -13.37
C TYR A 477 21.99 9.20 -14.79
N VAL A 478 22.93 8.47 -15.37
CA VAL A 478 22.76 7.89 -16.70
C VAL A 478 23.26 6.44 -16.69
N ILE A 479 22.40 5.53 -17.16
CA ILE A 479 22.68 4.10 -17.14
C ILE A 479 22.94 3.58 -18.54
N SER A 480 24.04 2.87 -18.71
CA SER A 480 24.50 2.44 -20.03
C SER A 480 24.73 0.95 -20.09
N GLY A 481 24.17 0.31 -21.11
CA GLY A 481 24.38 -1.12 -21.32
C GLY A 481 25.63 -1.36 -22.15
N GLU A 482 26.09 -2.60 -22.18
CA GLU A 482 27.34 -2.94 -22.83
C GLU A 482 27.15 -3.28 -24.31
N VAL A 483 27.96 -2.67 -25.17
CA VAL A 483 27.93 -2.93 -26.61
C VAL A 483 29.35 -3.02 -27.19
N ALA A 484 29.65 -4.15 -27.83
CA ALA A 484 30.97 -4.40 -28.40
C ALA A 484 30.91 -4.50 -29.92
N ILE A 485 31.94 -3.95 -30.58
CA ILE A 485 32.03 -4.00 -32.03
C ILE A 485 32.79 -5.23 -32.49
N LEU A 486 32.07 -6.27 -32.87
CA LEU A 486 32.71 -7.49 -33.33
C LEU A 486 33.47 -7.24 -34.64
N ASN A 487 32.73 -6.96 -35.72
CA ASN A 487 33.33 -6.66 -37.01
C ASN A 487 32.86 -5.32 -37.53
N SER A 488 33.25 -5.00 -38.76
CA SER A 488 32.70 -3.83 -39.44
C SER A 488 31.35 -4.21 -40.05
N THR A 489 31.01 -5.48 -39.93
CA THR A 489 29.77 -5.99 -40.49
C THR A 489 28.90 -6.62 -39.41
N THR A 490 29.40 -6.66 -38.17
CA THR A 490 28.64 -7.26 -37.07
C THR A 490 28.93 -6.57 -35.73
N ILE A 491 27.90 -6.44 -34.90
CA ILE A 491 28.04 -5.80 -33.60
C ILE A 491 27.25 -6.59 -32.54
N GLU A 492 27.66 -6.44 -31.27
CA GLU A 492 27.11 -7.25 -30.19
C GLU A 492 26.61 -6.41 -29.02
N ILE A 493 25.34 -6.56 -28.68
CA ILE A 493 24.74 -5.89 -27.52
C ILE A 493 24.68 -6.85 -26.34
N SER A 494 25.51 -6.60 -25.34
CA SER A 494 25.69 -7.53 -24.22
C SER A 494 24.68 -7.27 -23.11
N GLU A 495 24.34 -6.01 -22.90
CA GLU A 495 23.45 -5.63 -21.81
C GLU A 495 22.61 -4.43 -22.20
N LEU A 496 21.45 -4.31 -21.56
CA LEU A 496 20.60 -3.15 -21.75
C LEU A 496 20.49 -2.39 -20.44
N PRO A 497 20.10 -1.12 -20.50
CA PRO A 497 19.92 -0.34 -19.27
C PRO A 497 18.79 -0.91 -18.41
N VAL A 498 18.74 -0.57 -17.13
CA VAL A 498 17.72 -1.09 -16.24
C VAL A 498 16.35 -0.66 -16.75
N ARG A 499 15.34 -1.49 -16.49
CA ARG A 499 13.97 -1.20 -16.88
C ARG A 499 13.79 -1.25 -18.39
N THR A 500 14.78 -1.81 -19.09
CA THR A 500 14.68 -2.03 -20.53
C THR A 500 14.53 -3.52 -20.78
N TRP A 501 13.33 -3.92 -21.21
CA TRP A 501 12.99 -5.32 -21.28
C TRP A 501 13.30 -5.85 -22.66
N THR A 502 13.84 -7.06 -22.74
CA THR A 502 14.29 -7.64 -24.00
C THR A 502 13.24 -7.50 -25.10
N GLN A 503 12.00 -7.82 -24.76
CA GLN A 503 10.90 -7.71 -25.72
C GLN A 503 10.67 -6.26 -26.09
N THR A 504 10.39 -5.42 -25.08
CA THR A 504 10.18 -4.01 -25.31
C THR A 504 11.28 -3.40 -26.17
N TYR A 505 12.52 -3.84 -25.94
CA TYR A 505 13.64 -3.33 -26.74
C TYR A 505 13.56 -3.87 -28.16
N LYS A 506 13.42 -5.18 -28.29
CA LYS A 506 13.28 -5.81 -29.59
C LYS A 506 12.23 -5.08 -30.44
N GLU A 507 11.10 -4.76 -29.83
CA GLU A 507 10.04 -4.06 -30.53
C GLU A 507 10.39 -2.60 -30.79
N GLN A 508 10.54 -1.84 -29.71
CA GLN A 508 10.68 -0.39 -29.81
C GLN A 508 11.92 0.08 -30.60
N VAL A 509 13.03 -0.62 -30.46
CA VAL A 509 14.29 -0.13 -31.01
C VAL A 509 14.79 -0.91 -32.23
N LEU A 510 14.85 -2.23 -32.15
CA LEU A 510 15.48 -3.03 -33.20
C LEU A 510 14.64 -3.16 -34.47
N GLU A 511 13.42 -3.66 -34.33
CA GLU A 511 12.58 -3.92 -35.49
C GLU A 511 12.42 -2.68 -36.37
N PRO A 512 12.30 -1.49 -35.76
CA PRO A 512 12.23 -0.26 -36.56
C PRO A 512 13.50 0.00 -37.36
N MET A 513 14.64 -0.29 -36.75
CA MET A 513 15.94 -0.15 -37.41
C MET A 513 16.09 -1.19 -38.52
N LEU A 514 15.51 -2.36 -38.29
CA LEU A 514 15.57 -3.42 -39.27
C LEU A 514 14.79 -3.07 -40.54
N ASN A 515 13.57 -2.57 -40.38
CA ASN A 515 12.73 -2.18 -41.51
C ASN A 515 12.27 -0.72 -41.40
N GLY A 516 13.08 0.19 -41.92
CA GLY A 516 12.91 1.61 -41.68
C GLY A 516 11.54 2.15 -42.07
N THR A 517 11.12 3.19 -41.34
CA THR A 517 9.81 3.80 -41.53
C THR A 517 9.77 4.78 -42.71
N GLU A 518 8.57 5.13 -43.14
CA GLU A 518 8.37 6.05 -44.27
C GLU A 518 9.32 7.25 -44.27
N LYS A 519 9.60 7.80 -43.09
CA LYS A 519 10.45 8.99 -42.96
C LYS A 519 11.93 8.64 -43.08
N THR A 520 12.35 7.55 -42.46
CA THR A 520 13.76 7.17 -42.45
C THR A 520 13.98 5.72 -42.87
N PRO A 521 15.14 5.43 -43.47
CA PRO A 521 15.48 4.08 -43.96
C PRO A 521 15.97 3.17 -42.86
N PRO A 522 16.09 1.87 -43.15
CA PRO A 522 16.57 0.93 -42.14
C PRO A 522 18.01 1.24 -41.78
N LEU A 523 18.40 0.92 -40.56
CA LEU A 523 19.74 1.18 -40.08
C LEU A 523 20.57 -0.09 -40.07
N ILE A 524 19.89 -1.22 -39.96
CA ILE A 524 20.55 -2.51 -39.86
C ILE A 524 20.03 -3.44 -40.94
N THR A 525 20.82 -4.46 -41.27
CA THR A 525 20.46 -5.40 -42.32
C THR A 525 19.77 -6.64 -41.74
N ASP A 526 20.20 -7.02 -40.54
CA ASP A 526 19.62 -8.18 -39.87
C ASP A 526 20.20 -8.27 -38.47
N TYR A 527 19.48 -8.93 -37.56
CA TYR A 527 19.97 -9.13 -36.22
C TYR A 527 19.55 -10.50 -35.68
N ARG A 528 20.47 -11.14 -34.96
CA ARG A 528 20.18 -12.41 -34.31
C ARG A 528 20.17 -12.19 -32.81
N GLU A 529 19.46 -13.07 -32.10
CA GLU A 529 19.33 -12.92 -30.66
C GLU A 529 19.53 -14.25 -29.93
N TYR A 530 20.50 -14.27 -29.02
CA TYR A 530 20.77 -15.49 -28.28
C TYR A 530 20.70 -15.11 -26.82
N HIS A 531 19.47 -14.87 -26.39
CA HIS A 531 19.22 -14.46 -25.00
C HIS A 531 18.92 -15.65 -24.11
N THR A 532 18.66 -15.34 -22.85
CA THR A 532 18.11 -16.27 -21.89
C THR A 532 17.16 -15.46 -21.02
N ASP A 533 16.60 -16.09 -20.00
CA ASP A 533 15.70 -15.38 -19.11
C ASP A 533 16.46 -14.45 -18.18
N THR A 534 17.76 -14.72 -18.04
CA THR A 534 18.57 -14.00 -17.07
C THR A 534 19.56 -13.03 -17.75
N THR A 535 19.78 -13.20 -19.04
CA THR A 535 20.75 -12.38 -19.76
C THR A 535 20.29 -12.04 -21.17
N VAL A 536 20.93 -11.03 -21.77
CA VAL A 536 20.59 -10.59 -23.13
C VAL A 536 21.82 -10.55 -24.02
N LYS A 537 21.61 -10.82 -25.31
CA LYS A 537 22.69 -10.84 -26.28
C LYS A 537 22.15 -10.72 -27.70
N PHE A 538 22.18 -9.50 -28.24
CA PHE A 538 21.81 -9.25 -29.62
C PHE A 538 23.07 -9.26 -30.48
N VAL A 539 22.91 -9.59 -31.76
CA VAL A 539 23.99 -9.49 -32.73
C VAL A 539 23.46 -8.82 -33.98
N VAL A 540 23.91 -7.59 -34.22
CA VAL A 540 23.40 -6.76 -35.32
C VAL A 540 24.40 -6.64 -36.47
N LYS A 541 23.94 -6.95 -37.68
CA LYS A 541 24.74 -6.79 -38.89
C LYS A 541 24.37 -5.49 -39.58
N MET A 542 25.37 -4.66 -39.87
CA MET A 542 25.13 -3.38 -40.52
C MET A 542 25.99 -3.22 -41.77
N THR A 543 25.87 -2.07 -42.41
CA THR A 543 26.79 -1.67 -43.45
C THR A 543 27.99 -1.01 -42.82
N GLU A 544 29.18 -1.27 -43.36
CA GLU A 544 30.41 -0.74 -42.79
C GLU A 544 30.30 0.77 -42.62
N GLU A 545 29.70 1.43 -43.60
CA GLU A 545 29.48 2.87 -43.54
C GLU A 545 28.55 3.21 -42.37
N LYS A 546 27.34 2.69 -42.44
CA LYS A 546 26.32 2.95 -41.41
C LYS A 546 26.85 2.63 -40.01
N LEU A 547 27.56 1.51 -39.90
CA LEU A 547 28.19 1.14 -38.64
C LEU A 547 29.21 2.21 -38.24
N ALA A 548 30.02 2.63 -39.20
CA ALA A 548 31.01 3.67 -38.98
C ALA A 548 30.37 4.97 -38.48
N GLU A 549 29.29 5.38 -39.13
CA GLU A 549 28.54 6.58 -38.73
C GLU A 549 28.03 6.40 -37.31
N ALA A 550 27.38 5.26 -37.09
CA ALA A 550 26.87 4.90 -35.77
C ALA A 550 27.95 5.06 -34.72
N GLU A 551 29.13 4.50 -35.00
CA GLU A 551 30.25 4.62 -34.09
C GLU A 551 30.62 6.09 -33.90
N ARG A 552 30.74 6.81 -35.01
CA ARG A 552 31.10 8.23 -34.96
C ARG A 552 30.14 9.02 -34.08
N VAL A 553 28.87 8.63 -34.10
CA VAL A 553 27.86 9.26 -33.27
C VAL A 553 27.86 8.70 -31.84
N GLY A 554 28.19 7.42 -31.72
CA GLY A 554 28.17 6.75 -30.43
C GLY A 554 27.15 5.62 -30.36
N LEU A 555 27.63 4.39 -30.20
CA LEU A 555 26.76 3.22 -30.25
C LEU A 555 25.70 3.29 -29.16
N HIS A 556 26.14 3.63 -27.95
CA HIS A 556 25.23 3.76 -26.81
C HIS A 556 24.11 4.75 -27.10
N LYS A 557 24.41 5.77 -27.92
CA LYS A 557 23.43 6.80 -28.24
C LYS A 557 22.53 6.35 -29.40
N VAL A 558 23.14 5.69 -30.37
CA VAL A 558 22.42 5.23 -31.55
C VAL A 558 21.44 4.11 -31.19
N PHE A 559 21.92 3.14 -30.41
CA PHE A 559 21.10 1.99 -30.04
C PHE A 559 20.34 2.20 -28.75
N LYS A 560 20.17 3.47 -28.39
CA LYS A 560 19.39 3.84 -27.22
C LYS A 560 19.65 2.90 -26.06
N LEU A 561 20.94 2.68 -25.77
CA LEU A 561 21.36 1.84 -24.66
C LEU A 561 21.72 2.70 -23.46
N GLN A 562 21.32 3.96 -23.51
CA GLN A 562 21.60 4.88 -22.41
C GLN A 562 20.33 5.46 -21.82
N THR A 563 19.99 5.00 -20.63
CA THR A 563 18.81 5.48 -19.94
C THR A 563 19.23 6.49 -18.89
N SER A 564 18.63 7.67 -18.95
CA SER A 564 18.92 8.70 -17.96
C SER A 564 17.77 8.81 -16.99
N LEU A 565 18.07 9.11 -15.73
CA LEU A 565 17.01 9.33 -14.75
C LEU A 565 17.44 10.24 -13.63
N THR A 566 16.52 11.12 -13.24
CA THR A 566 16.77 12.06 -12.15
C THR A 566 15.78 11.84 -11.01
N CYS A 567 16.33 11.54 -9.84
CA CYS A 567 15.57 11.39 -8.61
C CYS A 567 15.46 12.71 -7.86
N ASN A 568 14.62 13.61 -8.36
CA ASN A 568 14.35 14.87 -7.69
C ASN A 568 13.08 14.73 -6.89
N SER A 569 12.42 13.60 -7.09
CA SER A 569 11.28 13.23 -6.27
C SER A 569 11.65 11.98 -5.49
N MET A 570 11.74 12.17 -4.18
CA MET A 570 11.94 11.12 -3.21
C MET A 570 11.05 11.49 -2.04
N VAL A 571 9.75 11.33 -2.21
CA VAL A 571 8.79 11.72 -1.18
C VAL A 571 8.36 10.49 -0.40
N LEU A 572 8.67 10.45 0.90
CA LEU A 572 8.39 9.26 1.72
C LEU A 572 7.60 9.59 3.00
N PHE A 573 7.12 8.56 3.70
CA PHE A 573 6.34 8.79 4.92
C PHE A 573 7.33 8.75 6.09
N ASP A 574 7.23 9.73 6.98
CA ASP A 574 7.94 9.70 8.26
C ASP A 574 7.33 8.70 9.25
N HIS A 575 8.13 8.18 10.17
CA HIS A 575 7.66 7.22 11.15
C HIS A 575 6.45 7.80 11.86
N VAL A 576 6.39 9.13 11.94
CA VAL A 576 5.24 9.79 12.56
C VAL A 576 4.04 9.72 11.62
N GLY A 577 4.32 9.45 10.35
CA GLY A 577 3.26 9.27 9.37
C GLY A 577 3.13 10.44 8.41
N CYS A 578 3.94 11.47 8.63
CA CYS A 578 3.89 12.65 7.78
C CYS A 578 4.75 12.41 6.56
N LEU A 579 4.45 13.14 5.48
CA LEU A 579 5.18 12.95 4.23
C LEU A 579 6.30 13.97 4.09
N LYS A 580 7.51 13.47 3.91
CA LYS A 580 8.68 14.32 3.74
C LYS A 580 9.36 13.95 2.43
N LYS A 581 9.99 14.94 1.79
CA LYS A 581 10.72 14.70 0.56
C LYS A 581 12.20 14.78 0.82
N TYR A 582 12.93 13.71 0.48
CA TYR A 582 14.34 13.62 0.82
C TYR A 582 15.20 14.13 -0.31
N ASP A 583 16.10 15.04 0.01
CA ASP A 583 16.92 15.68 -1.02
C ASP A 583 18.09 14.78 -1.41
N THR A 584 18.58 13.98 -0.48
CA THR A 584 19.61 13.02 -0.79
C THR A 584 19.25 11.63 -0.31
N VAL A 585 20.02 10.66 -0.76
CA VAL A 585 19.92 9.29 -0.27
C VAL A 585 20.46 9.25 1.15
N LEU A 586 21.61 9.88 1.34
CA LEU A 586 22.27 9.88 2.64
C LEU A 586 21.35 10.46 3.70
N ASP A 587 20.57 11.47 3.32
CA ASP A 587 19.57 12.04 4.22
C ASP A 587 18.71 10.91 4.82
N ILE A 588 18.06 10.17 3.92
CA ILE A 588 17.28 9.01 4.31
C ILE A 588 18.12 8.10 5.18
N LEU A 589 19.28 7.68 4.66
CA LEU A 589 20.16 6.78 5.39
C LEU A 589 20.37 7.25 6.83
N ARG A 590 20.54 8.56 7.01
CA ARG A 590 20.75 9.13 8.33
C ARG A 590 19.52 8.92 9.18
N ASP A 591 18.37 9.40 8.70
CA ASP A 591 17.14 9.25 9.47
C ASP A 591 16.93 7.78 9.89
N PHE A 592 17.10 6.88 8.92
CA PHE A 592 16.95 5.46 9.18
C PHE A 592 17.90 5.03 10.28
N PHE A 593 19.19 5.27 10.10
CA PHE A 593 20.17 4.91 11.10
C PHE A 593 19.71 5.33 12.49
N GLU A 594 19.38 6.61 12.63
CA GLU A 594 18.93 7.16 13.90
C GLU A 594 17.78 6.33 14.50
N LEU A 595 16.69 6.24 13.75
CA LEU A 595 15.52 5.52 14.24
C LEU A 595 15.87 4.07 14.63
N ARG A 596 16.54 3.37 13.72
CA ARG A 596 16.95 1.99 13.97
C ARG A 596 17.70 1.87 15.29
N LEU A 597 18.78 2.63 15.42
CA LEU A 597 19.54 2.66 16.66
C LEU A 597 18.61 2.77 17.86
N LYS A 598 17.79 3.81 17.87
CA LYS A 598 16.84 4.01 18.96
C LYS A 598 16.08 2.71 19.25
N TYR A 599 15.58 2.10 18.18
CA TYR A 599 14.80 0.88 18.34
C TYR A 599 15.63 -0.30 18.84
N TYR A 600 16.92 -0.33 18.52
CA TYR A 600 17.82 -1.26 19.19
C TYR A 600 17.78 -1.00 20.70
N GLY A 601 17.88 0.27 21.09
CA GLY A 601 17.73 0.63 22.49
C GLY A 601 16.50 -0.02 23.10
N LEU A 602 15.36 0.27 22.50
CA LEU A 602 14.09 -0.24 22.99
C LEU A 602 14.09 -1.77 23.07
N ARG A 603 14.58 -2.41 22.02
CA ARG A 603 14.71 -3.86 21.99
C ARG A 603 15.47 -4.33 23.23
N LYS A 604 16.60 -3.68 23.49
CA LYS A 604 17.38 -3.98 24.68
C LYS A 604 16.48 -3.91 25.89
N GLU A 605 15.80 -2.78 26.08
CA GLU A 605 14.89 -2.65 27.20
C GLU A 605 13.95 -3.86 27.29
N TRP A 606 13.37 -4.24 26.15
CA TRP A 606 12.44 -5.35 26.11
C TRP A 606 13.13 -6.61 26.54
N LEU A 607 14.37 -6.78 26.12
CA LEU A 607 15.16 -7.94 26.52
C LEU A 607 15.34 -7.94 28.04
N LEU A 608 15.59 -6.76 28.60
CA LEU A 608 15.73 -6.62 30.04
C LEU A 608 14.43 -7.01 30.74
N GLY A 609 13.30 -6.60 30.15
CA GLY A 609 12.00 -6.97 30.66
C GLY A 609 11.81 -8.47 30.78
N MET A 610 11.96 -9.17 29.66
CA MET A 610 11.79 -10.63 29.65
C MET A 610 12.69 -11.32 30.66
N LEU A 611 14.01 -11.20 30.46
CA LEU A 611 14.95 -11.94 31.29
C LEU A 611 14.73 -11.62 32.78
N GLY A 612 14.31 -10.39 33.05
CA GLY A 612 14.01 -9.96 34.40
C GLY A 612 12.81 -10.68 34.97
N ALA A 613 11.69 -10.66 34.25
CA ALA A 613 10.51 -11.40 34.68
C ALA A 613 10.85 -12.87 34.88
N GLU A 614 11.79 -13.37 34.09
CA GLU A 614 12.23 -14.76 34.20
C GLU A 614 12.97 -15.03 35.49
N SER A 615 14.11 -14.37 35.68
CA SER A 615 14.92 -14.58 36.89
C SER A 615 14.14 -14.27 38.16
N ALA A 616 13.18 -13.36 38.05
CA ALA A 616 12.33 -12.99 39.18
C ALA A 616 11.31 -14.08 39.49
N LYS A 617 10.68 -14.62 38.45
CA LYS A 617 9.79 -15.76 38.61
C LYS A 617 10.57 -16.89 39.25
N LEU A 618 11.82 -17.05 38.83
CA LEU A 618 12.70 -18.07 39.40
C LEU A 618 13.08 -17.76 40.85
N ASN A 619 13.03 -16.47 41.20
CA ASN A 619 13.25 -16.05 42.58
C ASN A 619 12.08 -16.43 43.47
N ASN A 620 10.87 -16.07 43.05
CA ASN A 620 9.68 -16.46 43.79
C ASN A 620 9.48 -17.97 43.83
N GLN A 621 9.94 -18.64 42.77
CA GLN A 621 10.03 -20.09 42.75
C GLN A 621 11.08 -20.57 43.74
N ALA A 622 12.19 -19.85 43.77
CA ALA A 622 13.33 -20.22 44.62
C ALA A 622 13.00 -20.18 46.10
N ARG A 623 12.24 -19.19 46.52
CA ARG A 623 11.90 -19.03 47.93
C ARG A 623 11.13 -20.26 48.42
N PHE A 624 10.17 -20.72 47.64
CA PHE A 624 9.28 -21.77 48.07
C PHE A 624 10.07 -23.02 48.41
N ILE A 625 11.10 -23.29 47.61
CA ILE A 625 11.88 -24.52 47.78
C ILE A 625 12.69 -24.44 49.07
N LEU A 626 13.24 -23.26 49.33
CA LEU A 626 14.01 -22.98 50.55
C LEU A 626 13.19 -23.11 51.84
N GLU A 627 12.02 -22.46 51.88
CA GLU A 627 11.08 -22.68 52.97
C GLU A 627 10.73 -24.14 53.19
N LYS A 628 10.39 -24.84 52.11
CA LYS A 628 10.10 -26.28 52.23
C LYS A 628 11.32 -27.14 52.59
N ILE A 629 12.44 -26.90 51.92
CA ILE A 629 13.69 -27.61 52.21
C ILE A 629 14.25 -27.22 53.57
N ASP A 630 14.15 -25.93 53.85
CA ASP A 630 14.64 -25.32 55.08
C ASP A 630 13.62 -25.45 56.20
N GLY A 631 12.42 -25.93 55.86
CA GLY A 631 11.39 -26.16 56.83
C GLY A 631 10.98 -24.91 57.59
N LYS A 632 11.06 -23.76 56.93
CA LYS A 632 10.67 -22.49 57.52
C LYS A 632 9.21 -22.17 57.17
N ILE A 633 8.66 -22.93 56.22
CA ILE A 633 7.26 -22.80 55.85
C ILE A 633 6.71 -24.16 55.40
N ILE A 634 5.80 -24.72 56.19
CA ILE A 634 5.15 -25.99 55.84
C ILE A 634 3.66 -25.78 55.64
N ILE A 635 3.29 -25.14 54.53
CA ILE A 635 1.90 -24.81 54.25
C ILE A 635 1.35 -25.69 53.12
N GLU A 636 2.03 -26.80 52.86
CA GLU A 636 1.59 -27.72 51.80
C GLU A 636 0.24 -28.36 52.14
N ASN A 637 -0.64 -28.43 51.14
CA ASN A 637 -1.95 -29.03 51.31
C ASN A 637 -2.84 -28.29 52.30
N LYS A 638 -2.28 -27.27 52.93
CA LYS A 638 -3.04 -26.42 53.85
C LYS A 638 -4.16 -25.73 53.07
N PRO A 639 -5.22 -25.35 53.76
CA PRO A 639 -6.44 -24.90 53.10
C PRO A 639 -6.12 -23.72 52.20
N LYS A 640 -6.79 -23.67 51.06
CA LYS A 640 -6.38 -22.81 49.95
C LYS A 640 -6.37 -21.36 50.34
N LYS A 641 -7.35 -20.91 51.11
CA LYS A 641 -7.35 -19.52 51.54
C LYS A 641 -6.10 -19.18 52.35
N GLU A 642 -5.73 -20.08 53.27
CA GLU A 642 -4.52 -19.92 54.07
C GLU A 642 -3.31 -19.71 53.16
N LEU A 643 -3.31 -20.41 52.04
CA LEU A 643 -2.25 -20.26 51.04
C LEU A 643 -2.12 -18.80 50.61
N ILE A 644 -3.18 -18.26 50.03
CA ILE A 644 -3.20 -16.87 49.59
C ILE A 644 -2.79 -15.92 50.72
N LYS A 645 -3.49 -16.02 51.85
CA LYS A 645 -3.18 -15.19 53.02
C LYS A 645 -1.69 -15.16 53.30
N VAL A 646 -1.10 -16.35 53.48
CA VAL A 646 0.32 -16.46 53.78
C VAL A 646 1.17 -15.81 52.69
N LEU A 647 0.78 -16.02 51.43
CA LEU A 647 1.50 -15.45 50.29
C LEU A 647 1.55 -13.92 50.36
N ILE A 648 0.38 -13.30 50.53
CA ILE A 648 0.29 -11.86 50.65
C ILE A 648 1.07 -11.36 51.86
N GLN A 649 1.05 -12.14 52.94
CA GLN A 649 1.78 -11.79 54.15
C GLN A 649 3.27 -12.09 54.05
N ARG A 650 3.61 -13.15 53.32
CA ARG A 650 5.02 -13.49 53.11
C ARG A 650 5.73 -12.41 52.29
N GLY A 651 4.94 -11.65 51.53
CA GLY A 651 5.43 -10.49 50.83
C GLY A 651 5.82 -10.72 49.38
N TYR A 652 6.34 -11.90 49.10
CA TYR A 652 6.83 -12.23 47.76
C TYR A 652 5.72 -12.04 46.71
N ASP A 653 6.11 -11.48 45.56
CA ASP A 653 5.16 -11.13 44.51
C ASP A 653 4.69 -12.34 43.69
N SER A 654 3.61 -12.10 42.95
CA SER A 654 2.97 -13.03 42.01
C SER A 654 3.68 -13.12 40.66
N ASP A 655 3.32 -14.11 39.86
CA ASP A 655 4.05 -14.43 38.64
C ASP A 655 4.29 -13.16 37.84
N PRO A 656 5.57 -12.79 37.73
CA PRO A 656 6.01 -11.55 37.08
C PRO A 656 5.70 -11.49 35.58
N VAL A 657 5.81 -12.62 34.90
CA VAL A 657 5.71 -12.65 33.44
C VAL A 657 4.36 -12.14 32.94
N LYS A 658 3.30 -12.50 33.65
CA LYS A 658 1.96 -12.05 33.26
C LYS A 658 1.87 -10.53 33.33
N ALA A 659 2.42 -9.95 34.39
CA ALA A 659 2.42 -8.50 34.56
C ALA A 659 3.23 -7.82 33.45
N TRP A 660 4.35 -8.44 33.12
CA TRP A 660 5.27 -7.92 32.12
C TRP A 660 4.62 -7.86 30.77
N LYS A 661 3.84 -8.89 30.44
CA LYS A 661 3.14 -8.93 29.17
C LYS A 661 2.16 -7.76 29.09
N GLU A 662 1.52 -7.47 30.21
CA GLU A 662 0.49 -6.44 30.26
C GLU A 662 1.07 -5.07 29.95
N THR A 694 -3.31 -14.70 40.59
CA THR A 694 -2.10 -15.18 39.95
C THR A 694 -1.22 -15.96 40.94
N PHE A 695 -1.40 -17.28 40.96
CA PHE A 695 -0.58 -18.16 41.81
C PHE A 695 -0.06 -19.45 41.14
N ASN A 696 -0.06 -19.48 39.82
CA ASN A 696 0.15 -20.71 39.06
C ASN A 696 1.50 -21.38 39.28
N TYR A 697 2.57 -20.59 39.35
CA TYR A 697 3.89 -21.17 39.56
C TYR A 697 3.93 -21.87 40.92
N LEU A 698 3.34 -21.21 41.92
CA LEU A 698 3.19 -21.80 43.25
C LEU A 698 2.25 -23.01 43.23
N LEU A 699 1.18 -22.90 42.44
CA LEU A 699 0.12 -23.90 42.45
C LEU A 699 0.68 -25.28 42.09
N ASP A 700 1.67 -25.21 41.21
CA ASP A 700 2.29 -26.38 40.66
C ASP A 700 2.79 -27.13 41.86
N MET A 701 2.42 -28.42 41.89
CA MET A 701 2.62 -29.33 43.02
C MET A 701 4.03 -29.93 43.11
N PRO A 702 4.40 -30.52 44.25
CA PRO A 702 5.77 -31.02 44.37
C PRO A 702 6.08 -32.03 43.27
N LEU A 703 5.15 -32.93 42.99
CA LEU A 703 5.29 -33.81 41.83
C LEU A 703 6.60 -34.61 41.78
N TRP A 704 7.06 -35.06 42.94
CA TRP A 704 8.18 -35.98 43.00
C TRP A 704 9.48 -35.32 42.58
N TYR A 705 9.45 -34.00 42.46
CA TYR A 705 10.64 -33.22 42.13
C TYR A 705 11.04 -32.16 43.15
N LEU A 706 10.33 -32.10 44.28
CA LEU A 706 10.48 -31.01 45.24
C LEU A 706 11.65 -31.30 46.17
N THR A 707 12.74 -31.80 45.61
CA THR A 707 13.95 -32.07 46.37
C THR A 707 14.83 -30.82 46.42
N LYS A 708 15.74 -30.78 47.38
CA LYS A 708 16.69 -29.67 47.49
C LYS A 708 17.61 -29.61 46.27
N GLU A 709 17.99 -30.80 45.81
CA GLU A 709 18.96 -30.98 44.74
C GLU A 709 18.40 -30.32 43.50
N LYS A 710 17.08 -30.41 43.36
CA LYS A 710 16.40 -29.71 42.28
C LYS A 710 16.69 -28.24 42.51
N LYS A 711 16.72 -27.81 43.77
CA LYS A 711 17.08 -26.43 44.06
C LYS A 711 18.47 -26.18 43.49
N ASP A 712 19.35 -27.17 43.61
CA ASP A 712 20.70 -27.07 43.08
C ASP A 712 20.67 -26.91 41.56
N GLU A 713 19.78 -27.64 40.90
CA GLU A 713 19.61 -27.48 39.45
C GLU A 713 19.00 -26.12 39.11
N LEU A 714 17.99 -25.73 39.88
CA LEU A 714 17.26 -24.48 39.68
C LEU A 714 18.14 -23.25 39.84
N CYS A 715 19.04 -23.30 40.81
CA CYS A 715 19.88 -22.14 41.11
C CYS A 715 20.73 -21.79 39.89
N ARG A 716 21.22 -22.82 39.22
CA ARG A 716 21.95 -22.61 37.97
C ARG A 716 21.07 -21.88 36.96
N LEU A 717 19.79 -22.25 36.89
CA LEU A 717 18.86 -21.64 35.95
C LEU A 717 18.62 -20.16 36.20
N ARG A 718 18.49 -19.77 37.47
CA ARG A 718 18.31 -18.38 37.84
C ARG A 718 19.60 -17.58 37.66
N ASN A 719 20.70 -18.16 38.13
CA ASN A 719 22.00 -17.56 37.97
C ASN A 719 22.35 -17.37 36.49
N GLU A 720 21.92 -18.32 35.67
CA GLU A 720 22.13 -18.23 34.22
C GLU A 720 21.35 -17.06 33.63
N LYS A 721 20.14 -16.84 34.12
CA LYS A 721 19.37 -15.67 33.70
C LYS A 721 20.11 -14.39 34.06
N GLU A 722 20.47 -14.27 35.33
CA GLU A 722 21.21 -13.08 35.79
C GLU A 722 22.48 -12.84 34.98
N GLN A 723 23.17 -13.91 34.61
CA GLN A 723 24.43 -13.79 33.86
C GLN A 723 24.19 -13.38 32.41
N GLU A 724 23.22 -14.03 31.78
CA GLU A 724 22.86 -13.69 30.42
C GLU A 724 22.59 -12.20 30.41
N LEU A 725 21.74 -11.73 31.31
CA LEU A 725 21.53 -10.30 31.45
C LEU A 725 22.83 -9.52 31.59
N ASP A 726 23.70 -9.92 32.51
CA ASP A 726 24.98 -9.26 32.63
C ASP A 726 25.68 -9.13 31.27
N THR A 727 25.76 -10.20 30.48
CA THR A 727 26.35 -10.06 29.16
C THR A 727 25.55 -9.10 28.27
N LEU A 728 24.23 -9.18 28.37
CA LEU A 728 23.36 -8.27 27.64
C LEU A 728 23.61 -6.80 27.99
N LYS A 729 23.89 -6.51 29.26
CA LYS A 729 24.18 -5.14 29.70
C LYS A 729 25.50 -4.67 29.11
N ARG A 730 26.43 -5.60 28.97
CA ARG A 730 27.71 -5.35 28.32
C ARG A 730 27.51 -4.92 26.88
N LYS A 731 26.46 -5.44 26.24
CA LYS A 731 26.16 -5.11 24.85
C LYS A 731 25.43 -3.76 24.76
N SER A 732 25.94 -2.87 23.92
CA SER A 732 25.28 -1.60 23.67
C SER A 732 24.32 -1.72 22.48
N PRO A 733 23.28 -0.87 22.44
CA PRO A 733 22.35 -0.91 21.30
C PRO A 733 23.10 -0.91 19.98
N SER A 734 24.08 -0.04 19.84
CA SER A 734 24.86 0.05 18.60
C SER A 734 25.77 -1.15 18.43
N ASP A 735 25.65 -2.15 19.29
CA ASP A 735 26.57 -3.28 19.28
C ASP A 735 25.90 -4.58 18.83
N LEU A 736 24.66 -4.80 19.26
CA LEU A 736 23.88 -5.95 18.82
C LEU A 736 23.65 -5.89 17.31
N TRP A 737 23.45 -4.67 16.85
CA TRP A 737 23.29 -4.39 15.44
C TRP A 737 24.39 -5.08 14.66
N LYS A 738 25.61 -4.99 15.17
CA LYS A 738 26.75 -5.62 14.53
C LYS A 738 26.49 -7.12 14.34
N GLU A 739 26.04 -7.80 15.40
CA GLU A 739 25.71 -9.21 15.33
C GLU A 739 24.67 -9.47 14.24
N ASP A 740 23.54 -8.78 14.35
CA ASP A 740 22.49 -8.91 13.35
C ASP A 740 23.12 -8.85 11.95
N LEU A 741 23.90 -7.80 11.71
CA LEU A 741 24.53 -7.58 10.41
C LEU A 741 25.43 -8.74 9.99
N ALA A 742 26.25 -9.21 10.93
CA ALA A 742 27.17 -10.31 10.66
C ALA A 742 26.43 -11.55 10.20
N THR A 743 25.40 -11.92 10.96
CA THR A 743 24.55 -13.04 10.62
C THR A 743 23.96 -12.87 9.22
N PHE A 744 23.35 -11.71 9.01
CA PHE A 744 22.79 -11.41 7.71
C PHE A 744 23.81 -11.64 6.60
N ILE A 745 25.02 -11.11 6.77
CA ILE A 745 26.04 -11.22 5.73
C ILE A 745 26.43 -12.67 5.46
N GLU A 746 26.68 -13.45 6.51
CA GLU A 746 27.02 -14.85 6.30
C GLU A 746 25.94 -15.54 5.47
N GLU A 747 24.68 -15.40 5.91
CA GLU A 747 23.58 -15.99 5.13
C GLU A 747 23.64 -15.48 3.69
N LEU A 748 23.71 -14.16 3.55
CA LEU A 748 23.77 -13.49 2.25
C LEU A 748 24.78 -14.17 1.34
N GLU A 749 26.02 -14.28 1.81
CA GLU A 749 27.08 -14.91 1.04
C GLU A 749 26.65 -16.30 0.61
N ALA A 750 26.16 -17.09 1.57
CA ALA A 750 25.65 -18.42 1.23
C ALA A 750 24.68 -18.35 0.05
N VAL A 751 23.59 -17.61 0.26
CA VAL A 751 22.56 -17.40 -0.77
C VAL A 751 23.16 -17.12 -2.14
N GLU A 752 24.03 -16.12 -2.18
CA GLU A 752 24.62 -15.69 -3.44
C GLU A 752 25.37 -16.87 -4.07
N ALA A 753 26.18 -17.56 -3.27
CA ALA A 753 26.89 -18.73 -3.76
C ALA A 753 25.91 -19.70 -4.42
N LYS A 754 24.96 -20.18 -3.62
CA LYS A 754 23.97 -21.12 -4.11
C LYS A 754 23.42 -20.66 -5.46
N GLU A 755 22.92 -19.43 -5.49
CA GLU A 755 22.34 -18.86 -6.70
C GLU A 755 23.30 -18.91 -7.88
N LYS A 756 24.54 -18.47 -7.66
CA LYS A 756 25.54 -18.46 -8.73
C LYS A 756 25.77 -19.86 -9.28
N GLN A 757 25.91 -20.83 -8.38
CA GLN A 757 26.10 -22.20 -8.81
C GLN A 757 24.91 -22.65 -9.64
N ASP A 758 23.71 -22.46 -9.10
CA ASP A 758 22.49 -22.82 -9.82
C ASP A 758 22.51 -22.23 -11.22
N GLU A 759 22.85 -20.95 -11.30
CA GLU A 759 22.98 -20.30 -12.59
C GLU A 759 23.95 -21.08 -13.47
N GLN A 760 25.13 -21.40 -12.93
CA GLN A 760 26.12 -22.17 -13.69
C GLN A 760 25.50 -23.45 -14.23
#